data_3RGW
#
_entry.id   3RGW
#
_cell.length_a   73.091
_cell.length_b   95.646
_cell.length_c   119.145
_cell.angle_alpha   90.00
_cell.angle_beta   90.00
_cell.angle_gamma   90.00
#
_symmetry.space_group_name_H-M   'P 21 21 21'
#
loop_
_entity.id
_entity.type
_entity.pdbx_description
1 polymer 'Membrane-bound hydrogenase (NIFE) large subunit HOXG'
2 polymer 'Membrane-bound hydrogenase (NIFE) small subunit HOXK'
3 non-polymer formyl[bis(hydrocyanato-1kappaC)]ironnickel(Fe-Ni)
4 non-polymer 'MAGNESIUM ION'
5 non-polymer 'IRON/SULFUR CLUSTER'
6 non-polymer 'FE3-S4 CLUSTER'
7 non-polymer 'FE4-S3 CLUSTER'
8 water water
#
loop_
_entity_poly.entity_id
_entity_poly.type
_entity_poly.pdbx_seq_one_letter_code
_entity_poly.pdbx_strand_id
1 'polypeptide(L)'
;MSAYATQGFNLDDRGRRIVVDPVTRIEGHMRCEVNVDANNVIRNAVSTGTMWRGLEVILKGRDPRDAWAFVERICGVCTG
CHALASVRAVENALDIRIPKNAHLIREIMAKTLQVHDHAVHFYHLHALDWVDVMSALKADPKRTSELQQLVSPAHPLSSA
GYFRDIQNRLKRFVESGQLGPFMNGYWGSKAYVLPPEANLMAVTHYLEALDLQKEWVKIHTIFGGKNPHPNYLVGGVPCA
INLDGIGAASAPVNMERLSFVKARIDEIIEFNKNVYVPDVLAIGTLYKQAGWLYGGGLAATNVLDYGEYPNVAYNKSTDQ
LPGGAILNGNWDEVFPVDPRDSQQVQEFVSHSWYKYADESVGLHPWDGVTEPNYVLGANTKGTRTRIEQIDESAKYSWIK
SPRWRGHAMEVGPLSRYILAYAHARSGNKYAERPKEQLEYSAQMINSAIPKALGLPETQYTLKQLLPSTIGRTLARALES
QYCGEMMHSDWHDLVANIRAGDTATANVDKWDPATWPLQAKGVGTVAAPRGALGHWIRIKDGRIENYQCVVPTTWNGSPR
DYKGQIGAFEASLMNTPMVNPEQPVEILRTLHSFDPCLACSTH
;
L
2 'polypeptide(L)'
;METKPRTPVLWLHGLECTCCSESFIRSAHPLAKDVVLSMISLDYDDTLMAAAGHQAEAILEEIMTKYKGNYILAVEGNPP
LNQDGMSCIIGGRPFIEQLKYVAKDAKAIISWGSCASWGCVQAAKPNPTQATPVHKVITDKPIIKVPGCPPIAEVMTGVI
TYMLTFDRIPELDRQGRPKMFYSQRIHDKCYRRPHFDAGQFVEEWDDESARKGFCLYKMGCKGPTTYNACSTTRWNEGTS
FPIQSGHGCIGCSEDGFWDKGSFYDRLTGISQFGVEANADKIGGTASVVVGAAVTAHAAASAIKRASKKNETSGSEHRSA
WSHPQFEKRSAWSHPQFEK
;
S
#
loop_
_chem_comp.id
_chem_comp.type
_chem_comp.name
_chem_comp.formula
F3S non-polymer 'FE3-S4 CLUSTER' 'Fe3 S4'
F4S non-polymer 'FE4-S3 CLUSTER' 'Fe4 S3'
MG non-polymer 'MAGNESIUM ION' 'Mg 2'
NFU non-polymer formyl[bis(hydrocyanato-1kappaC)]ironnickel(Fe-Ni) 'C3 H Fe N2 Ni O'
SF4 non-polymer 'IRON/SULFUR CLUSTER' 'Fe4 S4'
#
# COMPACT_ATOMS: atom_id res chain seq x y z
N SER A 2 -3.02 -29.33 21.08
CA SER A 2 -2.01 -28.62 21.90
C SER A 2 -2.52 -27.25 22.34
N ALA A 3 -2.32 -26.93 23.61
CA ALA A 3 -2.80 -25.67 24.17
C ALA A 3 -1.74 -25.04 25.06
N TYR A 4 -1.59 -23.73 24.96
CA TYR A 4 -0.76 -22.99 25.89
C TYR A 4 -1.20 -21.55 26.03
N ALA A 5 -0.82 -20.93 27.14
CA ALA A 5 -1.19 -19.55 27.41
C ALA A 5 -0.04 -18.61 27.13
N THR A 6 -0.35 -17.48 26.51
CA THR A 6 0.64 -16.43 26.28
C THR A 6 -0.04 -15.07 26.20
N GLN A 7 0.54 -14.08 26.87
CA GLN A 7 0.06 -12.70 26.77
C GLN A 7 -1.40 -12.56 27.17
N GLY A 8 -1.87 -13.46 28.04
CA GLY A 8 -3.24 -13.41 28.53
C GLY A 8 -4.22 -14.13 27.62
N PHE A 9 -3.71 -14.70 26.55
CA PHE A 9 -4.52 -15.48 25.62
C PHE A 9 -4.36 -16.97 25.86
N ASN A 10 -5.48 -17.68 25.88
CA ASN A 10 -5.47 -19.13 26.01
C ASN A 10 -5.60 -19.82 24.66
N LEU A 11 -4.47 -20.11 24.03
CA LEU A 11 -4.46 -20.73 22.71
C LEU A 11 -4.85 -22.19 22.83
N ASP A 12 -5.72 -22.64 21.92
CA ASP A 12 -6.16 -24.03 21.90
C ASP A 12 -6.47 -24.45 20.47
N ASP A 13 -5.83 -25.50 20.01
CA ASP A 13 -5.99 -25.95 18.61
C ASP A 13 -6.77 -27.26 18.54
N ARG A 14 -7.54 -27.56 19.58
CA ARG A 14 -8.31 -28.80 19.62
C ARG A 14 -9.68 -28.66 18.95
N GLY A 15 -10.09 -27.42 18.67
CA GLY A 15 -11.39 -27.17 18.07
C GLY A 15 -11.38 -27.33 16.57
N ARG A 16 -12.48 -26.92 15.93
CA ARG A 16 -12.63 -27.05 14.48
C ARG A 16 -11.69 -26.10 13.73
N ARG A 17 -10.95 -26.64 12.77
CA ARG A 17 -10.02 -25.84 11.99
C ARG A 17 -10.69 -25.22 10.77
N ILE A 18 -10.48 -23.92 10.61
CA ILE A 18 -11.02 -23.17 9.48
C ILE A 18 -9.88 -22.51 8.72
N VAL A 19 -9.90 -22.64 7.40
CA VAL A 19 -8.86 -22.05 6.56
C VAL A 19 -9.42 -20.94 5.66
N VAL A 20 -8.72 -19.81 5.63
CA VAL A 20 -9.03 -18.75 4.68
C VAL A 20 -7.81 -18.45 3.80
N ASP A 21 -7.85 -18.95 2.57
CA ASP A 21 -6.74 -18.80 1.63
C ASP A 21 -7.29 -18.86 0.22
N PRO A 22 -7.30 -17.72 -0.49
CA PRO A 22 -6.60 -16.48 -0.11
C PRO A 22 -7.45 -15.58 0.79
N VAL A 23 -6.80 -14.82 1.66
CA VAL A 23 -7.42 -13.65 2.23
C VAL A 23 -7.46 -12.55 1.18
N THR A 24 -8.66 -12.06 0.88
CA THR A 24 -8.83 -11.06 -0.17
C THR A 24 -9.03 -9.67 0.43
N ARG A 25 -9.15 -8.67 -0.45
CA ARG A 25 -9.18 -7.26 -0.04
C ARG A 25 -8.08 -6.90 0.94
N ILE A 26 -6.89 -7.41 0.65
CA ILE A 26 -5.65 -6.92 1.21
C ILE A 26 -4.70 -6.66 0.06
N GLU A 27 -3.55 -6.08 0.36
CA GLU A 27 -2.45 -6.07 -0.60
C GLU A 27 -1.63 -7.34 -0.44
N GLY A 28 -1.40 -8.04 -1.54
CA GLY A 28 -0.51 -9.20 -1.54
C GLY A 28 -1.20 -10.48 -1.11
N HIS A 29 -0.43 -11.40 -0.54
CA HIS A 29 -0.88 -12.77 -0.36
C HIS A 29 -0.79 -13.21 1.09
N MET A 30 -1.92 -13.67 1.63
CA MET A 30 -1.98 -14.14 3.00
C MET A 30 -2.89 -15.35 3.13
N ARG A 31 -2.51 -16.27 4.01
CA ARG A 31 -3.35 -17.37 4.42
C ARG A 31 -3.61 -17.25 5.92
N CYS A 32 -4.86 -17.44 6.32
CA CYS A 32 -5.21 -17.41 7.73
C CYS A 32 -5.92 -18.69 8.12
N GLU A 33 -5.48 -19.29 9.21
CA GLU A 33 -6.18 -20.41 9.79
C GLU A 33 -6.58 -20.11 11.22
N VAL A 34 -7.75 -20.58 11.62
CA VAL A 34 -8.16 -20.48 13.01
C VAL A 34 -8.72 -21.79 13.51
N ASN A 35 -8.78 -21.96 14.82
CA ASN A 35 -9.62 -22.99 15.43
C ASN A 35 -10.73 -22.35 16.21
N VAL A 36 -11.94 -22.89 16.09
CA VAL A 36 -13.07 -22.40 16.87
C VAL A 36 -13.58 -23.46 17.83
N ASP A 37 -14.11 -23.01 18.96
CA ASP A 37 -14.65 -23.92 19.95
C ASP A 37 -16.10 -24.30 19.65
N ALA A 38 -16.72 -25.01 20.58
CA ALA A 38 -18.03 -25.58 20.35
C ALA A 38 -19.08 -24.50 20.09
N ASN A 39 -18.75 -23.27 20.46
CA ASN A 39 -19.68 -22.15 20.33
C ASN A 39 -19.27 -21.18 19.25
N ASN A 40 -18.34 -21.61 18.38
CA ASN A 40 -17.89 -20.81 17.24
C ASN A 40 -16.99 -19.64 17.63
N VAL A 41 -16.41 -19.69 18.82
CA VAL A 41 -15.47 -18.66 19.25
C VAL A 41 -14.04 -19.02 18.86
N ILE A 42 -13.32 -18.08 18.27
CA ILE A 42 -11.95 -18.32 17.87
C ILE A 42 -11.04 -18.51 19.10
N ARG A 43 -10.34 -19.64 19.14
CA ARG A 43 -9.45 -19.96 20.26
C ARG A 43 -8.00 -20.18 19.81
N ASN A 44 -7.78 -20.07 18.50
CA ASN A 44 -6.44 -20.13 17.94
C ASN A 44 -6.44 -19.43 16.60
N ALA A 45 -5.35 -18.75 16.29
CA ALA A 45 -5.24 -18.06 15.03
C ALA A 45 -3.82 -18.12 14.51
N VAL A 46 -3.68 -18.30 13.20
CA VAL A 46 -2.39 -18.50 12.57
C VAL A 46 -2.26 -17.60 11.34
N SER A 47 -1.28 -16.70 11.38
CA SER A 47 -1.05 -15.77 10.29
C SER A 47 0.11 -16.27 9.39
N THR A 48 -0.19 -16.54 8.13
CA THR A 48 0.83 -16.99 7.18
C THR A 48 0.96 -16.01 6.02
N GLY A 49 2.10 -15.36 5.91
CA GLY A 49 2.44 -14.58 4.72
C GLY A 49 2.88 -15.51 3.61
N THR A 50 2.20 -15.46 2.48
CA THR A 50 2.35 -16.49 1.44
C THR A 50 3.08 -15.97 0.20
N MET A 51 3.91 -14.95 0.37
CA MET A 51 4.75 -14.46 -0.73
C MET A 51 6.10 -13.99 -0.19
N TRP A 52 7.11 -14.05 -1.05
CA TRP A 52 8.41 -13.45 -0.77
C TRP A 52 9.11 -13.16 -2.08
N ARG A 53 9.82 -12.03 -2.15
CA ARG A 53 10.53 -11.64 -3.37
C ARG A 53 12.03 -11.50 -3.14
N GLY A 54 12.42 -11.10 -1.93
CA GLY A 54 13.84 -11.04 -1.56
C GLY A 54 14.55 -9.73 -1.95
N LEU A 55 13.88 -8.60 -1.73
CA LEU A 55 14.48 -7.30 -2.04
C LEU A 55 15.79 -7.09 -1.29
N GLU A 56 15.87 -7.59 -0.06
CA GLU A 56 17.05 -7.39 0.77
C GLU A 56 18.26 -8.11 0.18
N VAL A 57 18.00 -9.25 -0.47
CA VAL A 57 19.04 -10.00 -1.16
C VAL A 57 19.44 -9.28 -2.45
N ILE A 58 18.45 -8.78 -3.18
CA ILE A 58 18.67 -8.14 -4.46
C ILE A 58 19.50 -6.85 -4.34
N LEU A 59 19.35 -6.16 -3.20
CA LEU A 59 20.04 -4.88 -3.00
C LEU A 59 21.55 -5.02 -2.82
N LYS A 60 22.00 -6.18 -2.37
CA LYS A 60 23.41 -6.38 -2.03
CA LYS A 60 23.41 -6.36 -2.02
C LYS A 60 24.33 -6.00 -3.19
N GLY A 61 25.32 -5.15 -2.91
CA GLY A 61 26.34 -4.81 -3.89
C GLY A 61 25.99 -3.63 -4.79
N ARG A 62 24.78 -3.11 -4.65
CA ARG A 62 24.32 -2.03 -5.51
C ARG A 62 24.65 -0.65 -4.93
N ASP A 63 24.38 0.40 -5.70
CA ASP A 63 24.72 1.77 -5.28
C ASP A 63 23.64 2.30 -4.33
N PRO A 64 24.05 2.77 -3.15
CA PRO A 64 23.09 3.28 -2.18
C PRO A 64 22.18 4.37 -2.76
N ARG A 65 22.68 5.12 -3.74
CA ARG A 65 21.88 6.21 -4.32
C ARG A 65 20.70 5.66 -5.14
N ASP A 66 20.82 4.41 -5.57
CA ASP A 66 19.79 3.76 -6.39
C ASP A 66 18.76 3.03 -5.54
N ALA A 67 19.09 2.82 -4.26
CA ALA A 67 18.32 1.88 -3.45
C ALA A 67 16.85 2.27 -3.34
N TRP A 68 16.58 3.58 -3.27
CA TRP A 68 15.21 4.03 -3.02
C TRP A 68 14.26 3.52 -4.08
N ALA A 69 14.73 3.41 -5.32
CA ALA A 69 13.88 3.00 -6.44
C ALA A 69 13.54 1.51 -6.37
N PHE A 70 14.50 0.70 -5.92
CA PHE A 70 14.28 -0.73 -5.70
C PHE A 70 13.27 -0.96 -4.57
N VAL A 71 13.53 -0.37 -3.41
CA VAL A 71 12.69 -0.63 -2.26
C VAL A 71 11.32 0.05 -2.36
N GLU A 72 11.22 1.08 -3.21
CA GLU A 72 9.92 1.68 -3.47
C GLU A 72 8.98 0.61 -4.03
N ARG A 73 9.54 -0.32 -4.80
CA ARG A 73 8.77 -1.38 -5.42
C ARG A 73 8.48 -2.53 -4.46
N ILE A 74 8.80 -2.35 -3.19
CA ILE A 74 8.26 -3.23 -2.18
C ILE A 74 6.74 -3.18 -2.18
N CYS A 75 6.18 -2.00 -2.46
CA CYS A 75 4.75 -1.83 -2.39
C CYS A 75 4.25 -0.65 -3.19
N GLY A 76 3.21 -0.90 -3.98
CA GLY A 76 2.61 0.12 -4.81
C GLY A 76 1.38 0.74 -4.19
N VAL A 77 0.97 0.20 -3.04
CA VAL A 77 -0.11 0.78 -2.26
C VAL A 77 0.41 1.85 -1.32
N CYS A 78 1.34 1.47 -0.44
CA CYS A 78 2.10 2.45 0.33
C CYS A 78 3.27 2.98 -0.48
N THR A 79 2.96 3.47 -1.67
CA THR A 79 3.97 3.84 -2.63
C THR A 79 4.73 5.11 -2.22
N GLY A 80 6.03 4.98 -2.11
CA GLY A 80 6.87 6.10 -1.74
C GLY A 80 7.37 6.05 -0.30
N CYS A 81 6.63 5.37 0.57
N CYS A 81 6.61 5.40 0.57
CA CYS A 81 7.02 5.30 1.97
CA CYS A 81 7.01 5.24 1.96
C CYS A 81 8.38 4.60 2.13
C CYS A 81 8.42 4.66 2.05
N HIS A 82 8.67 3.62 1.27
CA HIS A 82 9.94 2.92 1.31
C HIS A 82 11.06 3.77 0.71
N ALA A 83 10.72 4.52 -0.34
CA ALA A 83 11.69 5.43 -0.94
C ALA A 83 12.13 6.47 0.08
N LEU A 84 11.18 6.99 0.86
CA LEU A 84 11.48 7.96 1.90
C LEU A 84 12.39 7.35 2.98
N ALA A 85 12.04 6.15 3.43
CA ALA A 85 12.88 5.48 4.43
C ALA A 85 14.30 5.27 3.91
N SER A 86 14.40 4.93 2.63
CA SER A 86 15.69 4.63 2.01
C SER A 86 16.58 5.86 1.93
N VAL A 87 16.06 6.95 1.38
CA VAL A 87 16.87 8.14 1.26
C VAL A 87 17.24 8.70 2.65
N ARG A 88 16.34 8.54 3.61
CA ARG A 88 16.66 8.92 5.00
C ARG A 88 17.79 8.06 5.57
N ALA A 89 17.75 6.76 5.28
CA ALA A 89 18.78 5.85 5.78
C ALA A 89 20.15 6.20 5.19
N VAL A 90 20.19 6.44 3.88
CA VAL A 90 21.44 6.75 3.21
C VAL A 90 21.99 8.10 3.68
N GLU A 91 21.10 9.08 3.82
CA GLU A 91 21.48 10.40 4.31
C GLU A 91 21.97 10.32 5.77
N ASN A 92 21.37 9.45 6.54
CA ASN A 92 21.84 9.20 7.90
C ASN A 92 23.23 8.59 7.91
N ALA A 93 23.45 7.62 7.03
CA ALA A 93 24.76 6.95 6.94
C ALA A 93 25.87 7.91 6.51
N LEU A 94 25.55 8.82 5.59
CA LEU A 94 26.56 9.66 4.96
C LEU A 94 26.59 11.07 5.56
N ASP A 95 25.81 11.27 6.62
CA ASP A 95 25.76 12.57 7.30
CA ASP A 95 25.76 12.56 7.30
C ASP A 95 25.37 13.68 6.33
N ILE A 96 24.28 13.47 5.60
CA ILE A 96 23.76 14.47 4.67
C ILE A 96 22.54 15.17 5.26
N ARG A 97 22.60 16.50 5.31
CA ARG A 97 21.45 17.29 5.73
C ARG A 97 20.74 17.89 4.53
N ILE A 98 19.47 17.53 4.34
CA ILE A 98 18.70 18.02 3.20
C ILE A 98 18.17 19.41 3.47
N PRO A 99 17.94 20.19 2.39
CA PRO A 99 17.45 21.55 2.57
C PRO A 99 15.99 21.58 3.01
N LYS A 100 15.58 22.70 3.60
CA LYS A 100 14.24 22.84 4.17
C LYS A 100 13.13 22.52 3.16
N ASN A 101 13.28 23.00 1.92
CA ASN A 101 12.27 22.76 0.90
C ASN A 101 12.09 21.26 0.59
N ALA A 102 13.19 20.54 0.57
CA ALA A 102 13.15 19.10 0.36
C ALA A 102 12.45 18.39 1.50
N HIS A 103 12.73 18.82 2.72
CA HIS A 103 12.06 18.28 3.89
C HIS A 103 10.55 18.47 3.78
N LEU A 104 10.13 19.68 3.46
CA LEU A 104 8.71 20.01 3.40
C LEU A 104 7.99 19.27 2.27
N ILE A 105 8.64 19.19 1.11
CA ILE A 105 8.05 18.49 -0.03
C ILE A 105 7.90 16.98 0.27
N ARG A 106 8.92 16.38 0.90
CA ARG A 106 8.82 14.99 1.33
C ARG A 106 7.67 14.79 2.32
N GLU A 107 7.51 15.74 3.24
CA GLU A 107 6.43 15.67 4.22
C GLU A 107 5.08 15.75 3.56
N ILE A 108 4.95 16.62 2.57
CA ILE A 108 3.70 16.77 1.85
C ILE A 108 3.37 15.50 1.08
N MET A 109 4.39 14.91 0.45
CA MET A 109 4.21 13.65 -0.25
C MET A 109 3.81 12.53 0.70
N ALA A 110 4.43 12.50 1.87
CA ALA A 110 4.16 11.45 2.85
C ALA A 110 2.72 11.54 3.36
N LYS A 111 2.26 12.76 3.63
CA LYS A 111 0.94 12.96 4.18
C LYS A 111 -0.15 12.76 3.11
N THR A 112 0.18 13.05 1.86
CA THR A 112 -0.70 12.72 0.74
C THR A 112 -0.90 11.21 0.64
N LEU A 113 0.18 10.47 0.79
CA LEU A 113 0.10 9.01 0.78
C LEU A 113 -0.79 8.53 1.91
N GLN A 114 -0.62 9.10 3.09
CA GLN A 114 -1.43 8.72 4.24
C GLN A 114 -2.91 8.82 3.93
N VAL A 115 -3.31 9.97 3.41
CA VAL A 115 -4.72 10.21 3.15
C VAL A 115 -5.26 9.29 2.06
N HIS A 116 -4.53 9.18 0.95
CA HIS A 116 -4.97 8.33 -0.13
C HIS A 116 -5.08 6.88 0.32
N ASP A 117 -4.03 6.39 0.97
CA ASP A 117 -3.99 5.02 1.43
C ASP A 117 -5.15 4.74 2.40
N HIS A 118 -5.32 5.62 3.39
CA HIS A 118 -6.35 5.40 4.41
C HIS A 118 -7.75 5.39 3.81
N ALA A 119 -8.06 6.38 2.98
CA ALA A 119 -9.41 6.53 2.43
C ALA A 119 -9.75 5.39 1.47
N VAL A 120 -8.81 5.05 0.61
CA VAL A 120 -9.01 3.94 -0.31
C VAL A 120 -9.15 2.63 0.45
N HIS A 121 -8.36 2.47 1.50
CA HIS A 121 -8.49 1.27 2.29
C HIS A 121 -9.88 1.13 2.84
N PHE A 122 -10.36 2.17 3.53
CA PHE A 122 -11.62 2.04 4.21
C PHE A 122 -12.74 1.72 3.25
N TYR A 123 -12.83 2.47 2.17
CA TYR A 123 -13.96 2.32 1.29
C TYR A 123 -13.86 1.09 0.40
N HIS A 124 -12.69 0.84 -0.16
CA HIS A 124 -12.58 -0.13 -1.23
C HIS A 124 -12.07 -1.50 -0.78
N LEU A 125 -11.47 -1.56 0.42
CA LEU A 125 -11.03 -2.83 0.97
C LEU A 125 -11.81 -3.24 2.24
N HIS A 126 -12.12 -2.27 3.10
CA HIS A 126 -12.66 -2.58 4.42
C HIS A 126 -14.19 -2.54 4.45
N ALA A 127 -14.78 -1.60 3.73
CA ALA A 127 -16.21 -1.29 3.89
C ALA A 127 -17.10 -2.51 3.70
N LEU A 128 -16.74 -3.39 2.77
CA LEU A 128 -17.59 -4.56 2.48
C LEU A 128 -17.64 -5.56 3.64
N ASP A 129 -16.87 -5.30 4.69
CA ASP A 129 -16.94 -6.10 5.94
C ASP A 129 -18.02 -5.56 6.87
N TRP A 130 -18.41 -4.31 6.66
CA TRP A 130 -19.39 -3.64 7.52
C TRP A 130 -20.69 -3.42 6.77
N VAL A 131 -20.57 -3.31 5.44
CA VAL A 131 -21.67 -2.85 4.61
C VAL A 131 -22.20 -4.00 3.76
N ASP A 132 -23.51 -4.22 3.81
CA ASP A 132 -24.16 -5.23 2.98
C ASP A 132 -24.74 -4.58 1.72
N VAL A 133 -24.07 -4.75 0.59
CA VAL A 133 -24.46 -4.07 -0.65
C VAL A 133 -25.85 -4.49 -1.16
N MET A 134 -26.21 -5.75 -0.93
CA MET A 134 -27.52 -6.24 -1.34
C MET A 134 -28.63 -5.57 -0.53
N SER A 135 -28.33 -5.28 0.74
CA SER A 135 -29.26 -4.55 1.60
C SER A 135 -29.46 -3.12 1.09
N ALA A 136 -28.38 -2.53 0.57
CA ALA A 136 -28.46 -1.18 0.02
C ALA A 136 -29.54 -1.05 -1.05
N LEU A 137 -29.82 -2.16 -1.73
CA LEU A 137 -30.79 -2.16 -2.81
C LEU A 137 -32.21 -1.99 -2.28
N LYS A 138 -32.38 -2.22 -0.98
CA LYS A 138 -33.71 -2.19 -0.35
C LYS A 138 -33.97 -0.84 0.32
N ALA A 139 -32.96 0.01 0.32
CA ALA A 139 -33.04 1.27 1.06
C ALA A 139 -34.04 2.24 0.43
N ASP A 140 -34.62 3.10 1.26
CA ASP A 140 -35.43 4.21 0.77
C ASP A 140 -34.58 5.46 0.58
N PRO A 141 -34.55 5.97 -0.66
CA PRO A 141 -33.70 7.12 -1.01
C PRO A 141 -33.98 8.33 -0.13
N LYS A 142 -35.24 8.54 0.22
CA LYS A 142 -35.63 9.67 1.07
C LYS A 142 -35.04 9.53 2.47
N ARG A 143 -35.16 8.34 3.04
CA ARG A 143 -34.62 8.06 4.37
C ARG A 143 -33.09 8.02 4.35
N THR A 144 -32.52 7.68 3.20
CA THR A 144 -31.08 7.75 3.02
C THR A 144 -30.61 9.21 3.00
N SER A 145 -31.35 10.06 2.29
CA SER A 145 -31.07 11.49 2.27
C SER A 145 -31.12 12.07 3.67
N GLU A 146 -32.12 11.66 4.44
CA GLU A 146 -32.28 12.14 5.81
C GLU A 146 -31.13 11.68 6.70
N LEU A 147 -30.70 10.43 6.52
CA LEU A 147 -29.57 9.90 7.27
C LEU A 147 -28.30 10.67 6.96
N GLN A 148 -28.07 10.92 5.68
CA GLN A 148 -26.88 11.65 5.24
C GLN A 148 -26.80 13.03 5.89
N GLN A 149 -27.95 13.68 6.01
CA GLN A 149 -28.00 15.02 6.59
C GLN A 149 -27.68 15.00 8.09
N LEU A 150 -27.97 13.89 8.74
CA LEU A 150 -27.67 13.72 10.16
C LEU A 150 -26.21 13.33 10.37
N VAL A 151 -25.70 12.48 9.49
CA VAL A 151 -24.33 11.99 9.61
C VAL A 151 -23.32 13.07 9.25
N SER A 152 -23.62 13.84 8.21
CA SER A 152 -22.72 14.89 7.74
C SER A 152 -23.51 16.02 7.07
N PRO A 153 -23.91 17.02 7.87
CA PRO A 153 -24.75 18.12 7.39
C PRO A 153 -24.07 18.92 6.29
N ALA A 154 -22.74 18.92 6.27
CA ALA A 154 -21.98 19.80 5.39
C ALA A 154 -21.75 19.19 4.00
N HIS A 155 -21.93 17.88 3.89
CA HIS A 155 -21.75 17.19 2.60
C HIS A 155 -22.89 17.51 1.64
N PRO A 156 -22.56 18.06 0.46
CA PRO A 156 -23.53 18.65 -0.45
C PRO A 156 -24.29 17.60 -1.28
N LEU A 157 -23.75 16.39 -1.36
CA LEU A 157 -24.37 15.33 -2.16
C LEU A 157 -25.30 14.44 -1.35
N SER A 158 -26.53 14.88 -1.15
CA SER A 158 -27.39 14.37 -0.08
C SER A 158 -28.86 14.23 -0.48
N SER A 159 -29.18 14.57 -1.72
CA SER A 159 -30.56 14.60 -2.17
CA SER A 159 -30.57 14.60 -2.16
C SER A 159 -31.13 13.19 -2.38
N ALA A 160 -32.44 13.05 -2.23
CA ALA A 160 -33.10 11.76 -2.46
C ALA A 160 -32.91 11.30 -3.90
N GLY A 161 -32.96 12.23 -4.83
CA GLY A 161 -32.78 11.91 -6.24
C GLY A 161 -31.41 11.34 -6.53
N TYR A 162 -30.39 11.87 -5.84
CA TYR A 162 -29.01 11.43 -6.02
C TYR A 162 -28.84 9.98 -5.56
N PHE A 163 -29.32 9.69 -4.35
CA PHE A 163 -29.23 8.34 -3.81
C PHE A 163 -30.08 7.36 -4.63
N ARG A 164 -31.22 7.84 -5.13
CA ARG A 164 -32.07 7.02 -6.00
C ARG A 164 -31.33 6.61 -7.28
N ASP A 165 -30.65 7.57 -7.89
CA ASP A 165 -29.90 7.31 -9.11
C ASP A 165 -28.78 6.29 -8.86
N ILE A 166 -28.05 6.46 -7.77
CA ILE A 166 -27.01 5.51 -7.40
C ILE A 166 -27.59 4.13 -7.18
N GLN A 167 -28.68 4.06 -6.41
CA GLN A 167 -29.33 2.78 -6.12
C GLN A 167 -29.78 2.07 -7.40
N ASN A 168 -30.25 2.84 -8.36
CA ASN A 168 -30.75 2.28 -9.61
C ASN A 168 -29.65 1.64 -10.46
N ARG A 169 -28.49 2.28 -10.52
CA ARG A 169 -27.34 1.72 -11.22
C ARG A 169 -26.88 0.42 -10.57
N LEU A 170 -26.83 0.42 -9.23
CA LEU A 170 -26.48 -0.78 -8.48
C LEU A 170 -27.45 -1.93 -8.80
N LYS A 171 -28.74 -1.62 -8.85
CA LYS A 171 -29.75 -2.64 -9.11
C LYS A 171 -29.61 -3.24 -10.51
N ARG A 172 -29.45 -2.37 -11.51
CA ARG A 172 -29.20 -2.82 -12.87
C ARG A 172 -27.98 -3.73 -12.91
N PHE A 173 -26.92 -3.30 -12.22
CA PHE A 173 -25.69 -4.07 -12.13
C PHE A 173 -25.93 -5.46 -11.55
N VAL A 174 -26.58 -5.52 -10.39
CA VAL A 174 -26.84 -6.78 -9.72
C VAL A 174 -27.81 -7.65 -10.52
N GLU A 175 -28.77 -7.01 -11.16
CA GLU A 175 -29.81 -7.73 -11.89
C GLU A 175 -29.31 -8.26 -13.23
N SER A 176 -28.13 -7.80 -13.64
CA SER A 176 -27.52 -8.27 -14.88
C SER A 176 -27.08 -9.72 -14.73
N GLY A 177 -26.91 -10.17 -13.50
CA GLY A 177 -26.45 -11.53 -13.23
C GLY A 177 -24.94 -11.63 -13.20
N GLN A 178 -24.26 -10.55 -13.55
CA GLN A 178 -22.81 -10.47 -13.43
C GLN A 178 -22.41 -9.55 -12.28
N LEU A 179 -22.20 -10.13 -11.11
CA LEU A 179 -22.05 -9.34 -9.88
C LEU A 179 -20.63 -8.83 -9.68
N GLY A 180 -19.71 -9.30 -10.51
CA GLY A 180 -18.33 -8.83 -10.46
C GLY A 180 -17.73 -8.97 -9.07
N PRO A 181 -17.22 -7.87 -8.51
CA PRO A 181 -16.57 -7.88 -7.19
C PRO A 181 -17.50 -8.30 -6.06
N PHE A 182 -18.81 -8.36 -6.35
CA PHE A 182 -19.80 -8.73 -5.32
C PHE A 182 -20.18 -10.21 -5.40
N MET A 183 -19.60 -10.91 -6.36
CA MET A 183 -19.89 -12.32 -6.59
C MET A 183 -19.58 -13.18 -5.36
N ASN A 184 -20.49 -14.09 -5.01
CA ASN A 184 -20.26 -15.04 -3.93
C ASN A 184 -20.00 -14.37 -2.59
N GLY A 185 -20.50 -13.14 -2.44
CA GLY A 185 -20.34 -12.40 -1.19
C GLY A 185 -21.13 -13.01 -0.06
N TYR A 186 -20.94 -12.47 1.15
CA TYR A 186 -21.57 -13.03 2.34
C TYR A 186 -22.80 -12.21 2.72
N TRP A 187 -23.39 -11.56 1.73
CA TRP A 187 -24.57 -10.73 1.93
C TRP A 187 -25.69 -11.51 2.62
N GLY A 188 -26.36 -10.85 3.56
CA GLY A 188 -27.47 -11.46 4.27
C GLY A 188 -27.05 -12.08 5.58
N SER A 189 -25.75 -12.26 5.78
CA SER A 189 -25.24 -12.79 7.04
C SER A 189 -25.68 -11.92 8.21
N LYS A 190 -25.98 -12.54 9.34
CA LYS A 190 -26.40 -11.83 10.54
CA LYS A 190 -26.40 -11.82 10.53
C LYS A 190 -25.26 -10.99 11.12
N ALA A 191 -24.05 -11.18 10.58
CA ALA A 191 -22.90 -10.38 10.99
C ALA A 191 -23.04 -8.92 10.53
N TYR A 192 -23.84 -8.71 9.48
CA TYR A 192 -24.15 -7.35 9.01
C TYR A 192 -25.30 -6.74 9.80
N VAL A 193 -25.08 -5.57 10.40
CA VAL A 193 -26.07 -4.98 11.30
C VAL A 193 -26.64 -3.63 10.85
N LEU A 194 -26.06 -3.04 9.81
CA LEU A 194 -26.51 -1.73 9.32
C LEU A 194 -27.94 -1.80 8.75
N PRO A 195 -28.73 -0.73 8.97
CA PRO A 195 -29.99 -0.59 8.26
C PRO A 195 -29.75 -0.27 6.79
N PRO A 196 -30.73 -0.58 5.92
CA PRO A 196 -30.57 -0.42 4.48
C PRO A 196 -30.05 0.96 4.11
N GLU A 197 -30.59 2.00 4.74
CA GLU A 197 -30.23 3.38 4.41
C GLU A 197 -28.74 3.66 4.65
N ALA A 198 -28.21 3.11 5.75
CA ALA A 198 -26.80 3.24 6.06
C ALA A 198 -25.96 2.54 5.00
N ASN A 199 -26.43 1.38 4.54
CA ASN A 199 -25.74 0.63 3.51
C ASN A 199 -25.68 1.38 2.19
N LEU A 200 -26.78 2.02 1.82
CA LEU A 200 -26.83 2.78 0.58
C LEU A 200 -25.94 4.02 0.65
N MET A 201 -25.94 4.69 1.80
CA MET A 201 -25.05 5.82 2.01
C MET A 201 -23.59 5.42 1.83
N ALA A 202 -23.21 4.31 2.44
CA ALA A 202 -21.82 3.85 2.38
C ALA A 202 -21.40 3.46 0.98
N VAL A 203 -22.26 2.72 0.27
CA VAL A 203 -21.98 2.31 -1.10
C VAL A 203 -21.85 3.54 -2.00
N THR A 204 -22.68 4.53 -1.76
CA THR A 204 -22.61 5.79 -2.48
C THR A 204 -21.24 6.44 -2.31
N HIS A 205 -20.74 6.45 -1.09
CA HIS A 205 -19.44 7.05 -0.79
C HIS A 205 -18.28 6.21 -1.32
N TYR A 206 -18.49 4.90 -1.36
CA TYR A 206 -17.57 3.97 -2.02
C TYR A 206 -17.31 4.41 -3.48
N LEU A 207 -18.38 4.72 -4.19
CA LEU A 207 -18.27 5.14 -5.58
C LEU A 207 -17.68 6.54 -5.69
N GLU A 208 -18.07 7.43 -4.78
CA GLU A 208 -17.53 8.78 -4.74
C GLU A 208 -16.02 8.76 -4.52
N ALA A 209 -15.59 8.00 -3.52
CA ALA A 209 -14.17 7.91 -3.18
C ALA A 209 -13.35 7.36 -4.35
N LEU A 210 -13.92 6.40 -5.06
CA LEU A 210 -13.22 5.79 -6.19
C LEU A 210 -12.90 6.83 -7.25
N ASP A 211 -13.83 7.78 -7.46
CA ASP A 211 -13.62 8.83 -8.44
C ASP A 211 -12.65 9.89 -7.92
N LEU A 212 -12.69 10.14 -6.63
CA LEU A 212 -11.95 11.26 -6.03
C LEU A 212 -10.48 10.94 -5.76
N GLN A 213 -10.19 9.69 -5.43
CA GLN A 213 -8.85 9.32 -4.99
C GLN A 213 -7.79 9.60 -6.04
N LYS A 214 -8.19 9.58 -7.31
CA LYS A 214 -7.25 9.79 -8.41
C LYS A 214 -6.79 11.25 -8.48
N GLU A 215 -7.56 12.15 -7.88
CA GLU A 215 -7.20 13.56 -7.85
C GLU A 215 -6.12 13.85 -6.79
N TRP A 216 -6.25 13.21 -5.63
CA TRP A 216 -5.35 13.49 -4.50
C TRP A 216 -3.91 13.19 -4.87
N VAL A 217 -3.69 12.12 -5.63
CA VAL A 217 -2.33 11.66 -5.91
C VAL A 217 -1.60 12.56 -6.89
N LYS A 218 -2.31 13.51 -7.49
CA LYS A 218 -1.68 14.44 -8.42
C LYS A 218 -0.65 15.31 -7.71
N ILE A 219 -0.74 15.38 -6.38
CA ILE A 219 0.30 16.00 -5.58
C ILE A 219 1.63 15.24 -5.73
N HIS A 220 1.56 13.91 -5.68
CA HIS A 220 2.72 13.05 -5.98
C HIS A 220 3.25 13.31 -7.37
N THR A 221 2.34 13.43 -8.33
CA THR A 221 2.74 13.57 -9.73
C THR A 221 3.51 14.86 -9.95
N ILE A 222 3.07 15.93 -9.30
CA ILE A 222 3.76 17.21 -9.42
C ILE A 222 5.19 17.14 -8.86
N PHE A 223 5.33 16.63 -7.65
CA PHE A 223 6.62 16.61 -6.97
C PHE A 223 7.52 15.45 -7.40
N GLY A 224 6.90 14.35 -7.82
CA GLY A 224 7.62 13.09 -8.03
C GLY A 224 7.41 12.44 -9.39
N GLY A 225 6.69 13.14 -10.28
CA GLY A 225 6.63 12.74 -11.68
C GLY A 225 5.49 11.80 -12.04
N LYS A 226 5.06 10.99 -11.07
CA LYS A 226 4.10 9.91 -11.35
C LYS A 226 3.56 9.32 -10.06
N ASN A 227 2.37 8.75 -10.15
CA ASN A 227 1.83 7.89 -9.08
C ASN A 227 1.01 6.79 -9.71
N PRO A 228 1.26 5.52 -9.31
CA PRO A 228 2.19 5.07 -8.26
C PRO A 228 3.68 5.30 -8.57
N HIS A 229 4.49 5.16 -7.52
CA HIS A 229 5.97 5.14 -7.61
C HIS A 229 6.60 6.47 -8.06
N PRO A 230 6.32 7.54 -7.30
CA PRO A 230 7.00 8.82 -7.55
C PRO A 230 8.51 8.75 -7.30
N ASN A 231 9.26 9.65 -7.91
CA ASN A 231 10.70 9.64 -7.77
C ASN A 231 11.19 10.38 -6.53
N TYR A 232 12.26 9.86 -5.93
CA TYR A 232 12.91 10.49 -4.80
C TYR A 232 14.38 10.72 -5.13
N LEU A 233 15.13 11.24 -4.17
CA LEU A 233 16.53 11.57 -4.43
C LEU A 233 17.30 11.60 -3.11
N VAL A 234 18.44 10.92 -3.08
CA VAL A 234 19.35 11.07 -1.95
C VAL A 234 19.92 12.49 -1.93
N GLY A 235 19.62 13.24 -0.87
CA GLY A 235 20.15 14.59 -0.71
C GLY A 235 19.08 15.67 -0.86
N GLY A 236 17.87 15.27 -1.26
CA GLY A 236 16.78 16.22 -1.39
C GLY A 236 15.66 15.73 -2.27
N VAL A 237 15.17 16.60 -3.16
CA VAL A 237 14.16 16.21 -4.15
C VAL A 237 14.61 16.67 -5.52
N PRO A 238 14.13 15.99 -6.58
CA PRO A 238 14.53 16.35 -7.95
C PRO A 238 13.74 17.53 -8.52
N CYS A 239 12.65 17.91 -7.87
CA CYS A 239 11.75 18.92 -8.44
C CYS A 239 12.24 20.34 -8.18
N ALA A 240 13.19 20.79 -9.00
CA ALA A 240 13.84 22.09 -8.81
C ALA A 240 12.85 23.25 -8.92
N ILE A 241 13.14 24.34 -8.22
CA ILE A 241 12.18 25.42 -8.05
C ILE A 241 12.62 26.68 -8.81
N ASN A 242 11.67 27.26 -9.55
CA ASN A 242 11.92 28.50 -10.26
C ASN A 242 10.62 29.28 -10.43
N LEU A 243 10.48 30.36 -9.68
CA LEU A 243 9.25 31.16 -9.71
C LEU A 243 9.29 32.35 -10.65
N ASP A 244 10.51 32.79 -10.98
CA ASP A 244 10.71 33.88 -11.93
C ASP A 244 9.88 33.55 -13.18
N GLY A 245 9.63 34.58 -13.99
CA GLY A 245 9.03 34.40 -15.30
C GLY A 245 9.72 33.30 -16.11
N ILE A 246 11.05 33.28 -16.06
CA ILE A 246 11.83 32.27 -16.77
C ILE A 246 11.49 30.86 -16.28
N GLY A 247 10.74 30.78 -15.19
CA GLY A 247 10.36 29.49 -14.62
C GLY A 247 8.94 29.13 -14.98
N ALA A 248 8.43 29.76 -16.05
CA ALA A 248 7.09 29.46 -16.56
C ALA A 248 6.96 28.12 -17.25
N ALA A 249 6.66 27.08 -16.49
CA ALA A 249 6.68 25.71 -16.99
C ALA A 249 8.09 25.31 -17.41
N SER A 250 9.06 26.15 -17.07
CA SER A 250 10.46 25.84 -17.35
C SER A 250 11.05 24.94 -16.27
N ALA A 251 10.68 25.21 -15.02
CA ALA A 251 11.14 24.40 -13.90
C ALA A 251 10.04 23.44 -13.43
N PRO A 252 10.44 22.32 -12.82
CA PRO A 252 9.50 21.36 -12.25
C PRO A 252 8.50 22.03 -11.30
N VAL A 253 8.97 22.94 -10.46
CA VAL A 253 8.11 23.60 -9.50
C VAL A 253 8.13 25.10 -9.69
N ASN A 254 6.97 25.67 -10.03
CA ASN A 254 6.77 27.11 -10.00
C ASN A 254 5.51 27.43 -9.19
N MET A 255 5.11 28.69 -9.16
CA MET A 255 3.98 29.11 -8.33
CA MET A 255 3.99 29.06 -8.31
C MET A 255 2.67 28.46 -8.79
N GLU A 256 2.51 28.33 -10.10
CA GLU A 256 1.31 27.68 -10.65
C GLU A 256 1.18 26.23 -10.16
N ARG A 257 2.30 25.50 -10.19
CA ARG A 257 2.32 24.13 -9.73
C ARG A 257 1.97 24.04 -8.24
N LEU A 258 2.50 24.99 -7.46
CA LEU A 258 2.22 25.01 -6.03
C LEU A 258 0.78 25.37 -5.73
N SER A 259 0.20 26.25 -6.55
CA SER A 259 -1.22 26.60 -6.41
C SER A 259 -2.10 25.37 -6.68
N PHE A 260 -1.73 24.63 -7.72
CA PHE A 260 -2.42 23.38 -8.04
C PHE A 260 -2.41 22.42 -6.86
N VAL A 261 -1.23 22.26 -6.25
CA VAL A 261 -1.09 21.41 -5.07
C VAL A 261 -2.01 21.84 -3.93
N LYS A 262 -2.05 23.15 -3.66
CA LYS A 262 -2.89 23.68 -2.61
C LYS A 262 -4.37 23.37 -2.86
N ALA A 263 -4.79 23.48 -4.11
CA ALA A 263 -6.17 23.16 -4.47
C ALA A 263 -6.51 21.70 -4.16
N ARG A 264 -5.56 20.81 -4.44
CA ARG A 264 -5.75 19.39 -4.14
C ARG A 264 -5.82 19.15 -2.62
N ILE A 265 -4.98 19.86 -1.87
CA ILE A 265 -4.98 19.73 -0.42
C ILE A 265 -6.31 20.18 0.17
N ASP A 266 -6.85 21.27 -0.35
CA ASP A 266 -8.12 21.79 0.14
C ASP A 266 -9.26 20.79 -0.07
N GLU A 267 -9.23 20.11 -1.21
CA GLU A 267 -10.24 19.07 -1.52
C GLU A 267 -10.13 17.89 -0.57
N ILE A 268 -8.90 17.49 -0.27
CA ILE A 268 -8.63 16.42 0.68
C ILE A 268 -9.22 16.73 2.04
N ILE A 269 -9.00 17.95 2.51
CA ILE A 269 -9.48 18.35 3.82
C ILE A 269 -11.00 18.27 3.89
N GLU A 270 -11.66 18.63 2.79
CA GLU A 270 -13.13 18.57 2.72
C GLU A 270 -13.65 17.14 2.74
N PHE A 271 -12.97 16.26 2.01
CA PHE A 271 -13.38 14.86 1.96
C PHE A 271 -13.25 14.19 3.32
N ASN A 272 -12.12 14.38 3.98
CA ASN A 272 -11.90 13.81 5.31
C ASN A 272 -12.95 14.26 6.31
N LYS A 273 -13.24 15.56 6.29
CA LYS A 273 -14.12 16.16 7.28
C LYS A 273 -15.60 15.83 7.00
N ASN A 274 -15.96 15.73 5.73
CA ASN A 274 -17.37 15.67 5.35
C ASN A 274 -17.86 14.27 5.03
N VAL A 275 -16.94 13.39 4.64
CA VAL A 275 -17.32 12.07 4.15
C VAL A 275 -16.71 10.91 4.93
N TYR A 276 -15.38 10.91 5.03
CA TYR A 276 -14.65 9.77 5.59
C TYR A 276 -14.86 9.65 7.12
N VAL A 277 -14.49 10.69 7.86
CA VAL A 277 -14.61 10.64 9.31
C VAL A 277 -16.06 10.45 9.80
N PRO A 278 -17.02 11.20 9.23
CA PRO A 278 -18.40 11.03 9.65
C PRO A 278 -18.92 9.61 9.38
N ASP A 279 -18.56 9.04 8.23
CA ASP A 279 -18.97 7.67 7.89
C ASP A 279 -18.47 6.67 8.91
N VAL A 280 -17.20 6.78 9.26
CA VAL A 280 -16.60 5.84 10.20
C VAL A 280 -17.21 5.99 11.60
N LEU A 281 -17.49 7.23 12.00
CA LEU A 281 -18.14 7.48 13.28
C LEU A 281 -19.53 6.85 13.31
N ALA A 282 -20.28 6.98 12.22
CA ALA A 282 -21.65 6.47 12.17
C ALA A 282 -21.67 4.94 12.15
N ILE A 283 -20.86 4.36 11.28
CA ILE A 283 -20.77 2.89 11.19
C ILE A 283 -20.23 2.31 12.49
N GLY A 284 -19.21 2.95 13.04
CA GLY A 284 -18.69 2.57 14.35
C GLY A 284 -19.74 2.60 15.43
N THR A 285 -20.54 3.66 15.45
CA THR A 285 -21.58 3.80 16.46
C THR A 285 -22.59 2.66 16.39
N LEU A 286 -22.98 2.30 15.18
CA LEU A 286 -24.00 1.29 14.98
C LEU A 286 -23.50 -0.11 15.33
N TYR A 287 -22.24 -0.40 15.01
CA TYR A 287 -21.64 -1.66 15.41
C TYR A 287 -21.32 -1.71 16.91
N LYS A 288 -21.00 -0.55 17.48
CA LYS A 288 -20.88 -0.44 18.94
C LYS A 288 -22.21 -0.79 19.62
N GLN A 289 -23.30 -0.25 19.09
CA GLN A 289 -24.63 -0.49 19.62
C GLN A 289 -24.99 -1.98 19.53
N ALA A 290 -24.49 -2.64 18.49
CA ALA A 290 -24.71 -4.07 18.31
C ALA A 290 -23.79 -4.90 19.21
N GLY A 291 -22.87 -4.22 19.89
CA GLY A 291 -22.00 -4.88 20.86
C GLY A 291 -20.76 -5.52 20.25
N TRP A 292 -20.41 -5.12 19.03
CA TRP A 292 -19.26 -5.70 18.34
C TRP A 292 -17.96 -4.95 18.66
N LEU A 293 -17.43 -5.17 19.86
CA LEU A 293 -16.25 -4.48 20.30
C LEU A 293 -15.03 -5.40 20.34
N TYR A 294 -15.08 -6.46 19.55
CA TYR A 294 -14.00 -7.43 19.46
C TYR A 294 -12.81 -6.90 18.70
N GLY A 295 -11.69 -7.64 18.76
CA GLY A 295 -10.55 -7.39 17.87
C GLY A 295 -9.46 -6.52 18.46
N GLY A 296 -9.50 -6.29 19.77
CA GLY A 296 -8.50 -5.44 20.41
C GLY A 296 -7.10 -5.99 20.34
N GLY A 297 -6.96 -7.30 20.54
CA GLY A 297 -5.65 -7.96 20.45
C GLY A 297 -4.60 -7.29 21.33
N LEU A 298 -3.44 -7.02 20.75
CA LEU A 298 -2.33 -6.44 21.50
C LEU A 298 -2.52 -4.95 21.80
N ALA A 299 -3.45 -4.31 21.10
CA ALA A 299 -3.67 -2.87 21.26
C ALA A 299 -4.03 -2.53 22.71
N ALA A 300 -4.59 -3.51 23.42
CA ALA A 300 -4.97 -3.30 24.81
C ALA A 300 -3.78 -3.31 25.75
N THR A 301 -2.62 -3.72 25.25
CA THR A 301 -1.42 -3.83 26.09
C THR A 301 -0.20 -3.12 25.50
N ASN A 302 0.26 -3.60 24.35
CA ASN A 302 1.58 -3.21 23.82
C ASN A 302 1.46 -2.52 22.46
N VAL A 303 1.83 -1.24 22.39
CA VAL A 303 1.83 -0.51 21.11
C VAL A 303 3.15 0.25 20.89
N LEU A 304 3.52 0.42 19.63
CA LEU A 304 4.81 1.03 19.28
C LEU A 304 4.71 1.89 18.01
N ASP A 305 5.41 3.01 18.02
CA ASP A 305 5.72 3.75 16.78
C ASP A 305 7.02 4.51 16.96
N TYR A 306 7.71 4.80 15.86
CA TYR A 306 9.00 5.49 15.95
C TYR A 306 8.84 6.99 16.22
N GLY A 307 7.67 7.53 15.90
CA GLY A 307 7.42 8.96 16.01
C GLY A 307 7.78 9.68 14.72
N GLU A 308 6.96 10.64 14.33
N GLU A 308 6.94 10.63 14.31
CA GLU A 308 7.08 11.23 12.99
CA GLU A 308 7.07 11.22 12.97
C GLU A 308 6.59 12.68 12.96
C GLU A 308 6.56 12.66 12.93
N TYR A 309 6.96 13.39 11.89
CA TYR A 309 6.42 14.72 11.60
C TYR A 309 6.84 15.78 12.62
N PRO A 310 8.15 15.95 12.80
CA PRO A 310 8.64 17.02 13.69
C PRO A 310 8.35 18.39 13.09
N ASN A 311 7.77 19.27 13.88
CA ASN A 311 7.50 20.63 13.41
C ASN A 311 8.80 21.38 13.15
N VAL A 312 9.86 20.95 13.83
CA VAL A 312 11.21 21.43 13.54
C VAL A 312 12.08 20.28 13.03
N ALA A 313 12.52 20.37 11.78
CA ALA A 313 13.27 19.29 11.15
C ALA A 313 14.42 18.81 12.02
N TYR A 314 14.60 17.50 12.09
CA TYR A 314 15.73 16.90 12.79
C TYR A 314 15.66 17.13 14.30
N ASN A 315 14.49 17.56 14.79
CA ASN A 315 14.26 17.71 16.23
C ASN A 315 13.09 16.85 16.72
N LYS A 316 13.42 15.68 17.26
CA LYS A 316 12.43 14.64 17.47
C LYS A 316 11.45 14.97 18.60
N SER A 317 11.89 15.80 19.54
CA SER A 317 11.02 16.21 20.63
C SER A 317 9.78 16.93 20.12
N THR A 318 9.83 17.36 18.85
CA THR A 318 8.74 18.16 18.26
C THR A 318 7.84 17.33 17.33
N ASP A 319 8.00 16.00 17.35
CA ASP A 319 7.13 15.12 16.57
C ASP A 319 5.65 15.41 16.83
N GLN A 320 4.89 15.61 15.75
CA GLN A 320 3.44 15.87 15.86
C GLN A 320 2.64 14.56 15.93
N LEU A 321 3.29 13.46 15.58
CA LEU A 321 2.82 12.15 15.99
C LEU A 321 3.89 11.50 16.85
N PRO A 322 3.96 11.89 18.12
CA PRO A 322 5.03 11.47 19.01
C PRO A 322 4.95 9.98 19.29
N GLY A 323 6.09 9.31 19.26
CA GLY A 323 6.13 7.87 19.30
C GLY A 323 6.69 7.32 20.60
N GLY A 324 7.16 6.09 20.54
CA GLY A 324 7.62 5.40 21.73
C GLY A 324 6.92 4.07 21.86
N ALA A 325 7.02 3.47 23.04
CA ALA A 325 6.40 2.19 23.30
C ALA A 325 5.60 2.21 24.59
N ILE A 326 4.43 1.58 24.55
CA ILE A 326 3.63 1.35 25.74
C ILE A 326 3.53 -0.14 26.00
N LEU A 327 3.67 -0.54 27.26
CA LEU A 327 3.56 -1.96 27.63
C LEU A 327 2.46 -2.18 28.65
N ASN A 328 1.85 -3.35 28.59
CA ASN A 328 0.97 -3.82 29.65
C ASN A 328 -0.23 -2.90 29.87
N GLY A 329 -0.58 -2.13 28.84
CA GLY A 329 -1.75 -1.27 28.88
C GLY A 329 -1.58 -0.09 29.82
N ASN A 330 -0.34 0.18 30.20
CA ASN A 330 -0.04 1.33 31.05
C ASN A 330 0.21 2.59 30.24
N TRP A 331 -0.85 3.39 30.07
CA TRP A 331 -0.78 4.58 29.23
C TRP A 331 -0.12 5.75 29.97
N ASP A 332 0.30 5.50 31.21
CA ASP A 332 0.95 6.52 32.03
C ASP A 332 2.46 6.55 31.83
N GLU A 333 2.97 5.63 31.02
CA GLU A 333 4.40 5.47 30.85
C GLU A 333 4.77 5.12 29.42
N VAL A 334 5.25 6.11 28.69
CA VAL A 334 5.74 5.87 27.33
C VAL A 334 7.25 5.75 27.33
N PHE A 335 7.74 4.58 26.92
CA PHE A 335 9.19 4.36 26.83
C PHE A 335 9.70 4.89 25.50
N PRO A 336 10.90 5.49 25.52
CA PRO A 336 11.53 5.93 24.29
C PRO A 336 11.97 4.75 23.42
N VAL A 337 11.84 4.90 22.11
CA VAL A 337 12.25 3.86 21.18
C VAL A 337 13.41 4.34 20.32
N ASP A 338 14.50 3.58 20.31
CA ASP A 338 15.71 3.95 19.59
C ASP A 338 16.03 2.90 18.53
N PRO A 339 15.86 3.25 17.25
CA PRO A 339 16.12 2.29 16.17
C PRO A 339 17.60 1.91 16.05
N ARG A 340 18.47 2.63 16.74
CA ARG A 340 19.92 2.34 16.68
C ARG A 340 20.35 1.34 17.74
N ASP A 341 19.47 1.09 18.71
CA ASP A 341 19.82 0.26 19.87
C ASP A 341 19.65 -1.23 19.55
N SER A 342 20.75 -1.96 19.56
CA SER A 342 20.75 -3.37 19.15
C SER A 342 19.85 -4.23 20.04
N GLN A 343 19.51 -3.72 21.21
CA GLN A 343 18.72 -4.48 22.17
C GLN A 343 17.22 -4.18 22.08
N GLN A 344 16.85 -3.28 21.17
CA GLN A 344 15.46 -2.87 21.05
C GLN A 344 14.71 -3.60 19.93
N VAL A 345 14.84 -3.13 18.70
CA VAL A 345 14.19 -3.82 17.57
C VAL A 345 15.01 -5.02 17.12
N GLN A 346 14.41 -6.21 17.21
CA GLN A 346 15.06 -7.45 16.79
C GLN A 346 14.07 -8.32 16.05
N GLU A 347 14.57 -9.09 15.09
CA GLU A 347 13.71 -10.00 14.33
C GLU A 347 14.08 -11.44 14.56
N PHE A 348 13.09 -12.24 14.93
CA PHE A 348 13.26 -13.68 15.07
C PHE A 348 12.79 -14.38 13.81
N VAL A 349 13.27 -15.60 13.59
CA VAL A 349 12.79 -16.41 12.47
C VAL A 349 12.43 -17.83 12.89
N SER A 350 12.29 -18.03 14.20
CA SER A 350 11.98 -19.35 14.76
C SER A 350 10.81 -20.02 14.06
N HIS A 351 9.81 -19.23 13.69
CA HIS A 351 8.61 -19.75 13.05
C HIS A 351 8.42 -19.18 11.64
N SER A 352 9.51 -18.72 11.04
CA SER A 352 9.48 -18.14 9.70
C SER A 352 10.36 -18.97 8.76
N TRP A 353 10.12 -18.82 7.46
CA TRP A 353 10.85 -19.61 6.46
C TRP A 353 12.20 -18.97 6.09
N TYR A 354 13.04 -18.80 7.12
CA TYR A 354 14.40 -18.31 6.94
C TYR A 354 15.32 -19.08 7.87
N LYS A 355 16.62 -18.88 7.74
CA LYS A 355 17.57 -19.48 8.66
CA LYS A 355 17.55 -19.47 8.68
C LYS A 355 18.57 -18.46 9.22
N TYR A 356 18.86 -18.59 10.51
CA TYR A 356 19.94 -17.85 11.16
C TYR A 356 21.02 -18.86 11.55
N ALA A 357 22.19 -18.34 11.94
CA ALA A 357 23.20 -19.15 12.62
C ALA A 357 22.68 -19.67 13.97
N ASP A 358 21.94 -18.82 14.68
CA ASP A 358 21.31 -19.20 15.94
C ASP A 358 19.89 -18.62 16.00
N GLU A 359 18.89 -19.49 15.89
CA GLU A 359 17.52 -19.02 15.76
C GLU A 359 16.82 -18.88 17.11
N SER A 360 17.59 -19.06 18.18
CA SER A 360 17.09 -18.80 19.52
C SER A 360 17.14 -17.32 19.86
N VAL A 361 17.75 -16.54 18.98
CA VAL A 361 17.89 -15.11 19.23
C VAL A 361 17.30 -14.29 18.11
N GLY A 362 17.00 -13.04 18.42
CA GLY A 362 16.56 -12.08 17.41
C GLY A 362 17.71 -11.18 16.99
N LEU A 363 17.71 -10.77 15.74
CA LEU A 363 18.77 -9.94 15.20
C LEU A 363 18.29 -8.52 15.00
N HIS A 364 19.07 -7.55 15.48
CA HIS A 364 18.86 -6.17 15.11
C HIS A 364 19.15 -5.99 13.61
N PRO A 365 18.39 -5.10 12.93
CA PRO A 365 18.43 -5.11 11.46
C PRO A 365 19.81 -4.75 10.85
N TRP A 366 20.64 -4.02 11.59
CA TRP A 366 22.01 -3.77 11.12
C TRP A 366 22.81 -5.07 11.03
N ASP A 367 22.34 -6.09 11.75
CA ASP A 367 22.98 -7.40 11.75
C ASP A 367 22.05 -8.44 11.14
N GLY A 368 21.03 -7.97 10.44
CA GLY A 368 20.01 -8.84 9.92
C GLY A 368 20.50 -9.78 8.83
N VAL A 369 19.79 -10.89 8.67
CA VAL A 369 20.16 -11.93 7.72
C VAL A 369 18.90 -12.42 7.03
N THR A 370 18.95 -12.55 5.70
CA THR A 370 17.80 -13.01 4.94
C THR A 370 18.16 -14.15 4.02
N GLU A 371 18.04 -15.36 4.52
CA GLU A 371 18.33 -16.55 3.74
C GLU A 371 17.10 -17.46 3.77
N PRO A 372 16.49 -17.68 2.60
CA PRO A 372 15.23 -18.41 2.56
C PRO A 372 15.38 -19.85 3.01
N ASN A 373 14.36 -20.37 3.66
CA ASN A 373 14.36 -21.72 4.16
C ASN A 373 12.94 -22.25 4.20
N TYR A 374 12.39 -22.55 3.03
CA TYR A 374 11.03 -23.05 2.94
C TYR A 374 10.97 -24.52 3.33
N VAL A 375 10.47 -24.78 4.53
CA VAL A 375 10.33 -26.13 5.04
C VAL A 375 9.12 -26.21 5.97
N LEU A 376 8.40 -27.32 5.90
CA LEU A 376 7.16 -27.46 6.66
C LEU A 376 7.32 -28.43 7.80
N GLY A 377 6.57 -28.21 8.87
CA GLY A 377 6.62 -29.07 10.05
C GLY A 377 6.07 -30.45 9.78
N ALA A 378 6.45 -31.41 10.61
CA ALA A 378 6.09 -32.81 10.39
C ALA A 378 4.60 -33.05 10.58
N ASN A 379 3.93 -32.13 11.26
CA ASN A 379 2.51 -32.26 11.54
C ASN A 379 1.63 -31.53 10.53
N THR A 380 2.24 -31.10 9.43
CA THR A 380 1.51 -30.51 8.32
C THR A 380 0.53 -31.52 7.73
N LYS A 381 -0.68 -31.06 7.44
CA LYS A 381 -1.60 -31.83 6.62
C LYS A 381 -1.48 -31.42 5.15
N GLY A 382 -1.18 -32.38 4.29
CA GLY A 382 -0.89 -32.10 2.89
C GLY A 382 0.58 -32.33 2.56
N THR A 383 1.03 -31.69 1.49
CA THR A 383 2.41 -31.84 1.04
C THR A 383 3.08 -30.48 0.88
N ARG A 384 4.36 -30.50 0.50
CA ARG A 384 5.14 -29.27 0.37
C ARG A 384 4.51 -28.30 -0.64
N THR A 385 3.82 -28.84 -1.64
CA THR A 385 3.25 -28.01 -2.69
C THR A 385 1.73 -28.08 -2.72
N ARG A 386 1.15 -28.68 -1.69
CA ARG A 386 -0.30 -28.71 -1.55
C ARG A 386 -0.69 -28.78 -0.09
N ILE A 387 -0.71 -27.63 0.56
CA ILE A 387 -0.96 -27.56 1.98
C ILE A 387 -2.45 -27.56 2.27
N GLU A 388 -2.86 -28.45 3.18
CA GLU A 388 -4.25 -28.49 3.62
C GLU A 388 -4.40 -27.81 4.98
N GLN A 389 -3.49 -28.10 5.89
CA GLN A 389 -3.45 -27.45 7.19
C GLN A 389 -2.01 -27.18 7.61
N ILE A 390 -1.68 -25.91 7.77
CA ILE A 390 -0.31 -25.52 8.13
C ILE A 390 0.02 -25.94 9.58
N ASP A 391 1.30 -26.23 9.81
CA ASP A 391 1.77 -26.67 11.11
C ASP A 391 2.46 -25.51 11.84
N GLU A 392 1.71 -24.84 12.72
CA GLU A 392 2.20 -23.60 13.34
C GLU A 392 3.16 -23.87 14.51
N SER A 393 3.43 -25.14 14.78
CA SER A 393 4.46 -25.51 15.75
C SER A 393 5.85 -25.36 15.16
N ALA A 394 5.93 -25.27 13.83
CA ALA A 394 7.20 -25.10 13.15
C ALA A 394 7.21 -23.79 12.37
N LYS A 395 7.86 -23.79 11.22
CA LYS A 395 7.96 -22.58 10.40
C LYS A 395 6.78 -22.44 9.42
N TYR A 396 6.08 -21.32 9.50
CA TYR A 396 4.77 -21.22 8.84
C TYR A 396 4.47 -19.89 8.13
N SER A 397 5.50 -19.12 7.82
CA SER A 397 5.30 -17.79 7.21
C SER A 397 6.55 -17.25 6.55
N TRP A 398 6.36 -16.46 5.50
CA TRP A 398 7.46 -15.70 4.91
C TRP A 398 7.71 -14.39 5.66
N ILE A 399 6.90 -14.11 6.68
CA ILE A 399 7.10 -12.92 7.51
C ILE A 399 8.00 -13.23 8.69
N LYS A 400 9.03 -12.41 8.88
CA LYS A 400 9.86 -12.48 10.09
C LYS A 400 9.07 -12.01 11.33
N SER A 401 9.64 -12.21 12.52
CA SER A 401 8.98 -11.85 13.77
C SER A 401 9.71 -10.74 14.49
N PRO A 402 9.31 -9.47 14.24
CA PRO A 402 9.94 -8.37 14.96
C PRO A 402 9.41 -8.25 16.38
N ARG A 403 10.28 -7.95 17.31
CA ARG A 403 9.89 -7.69 18.69
C ARG A 403 10.66 -6.48 19.20
N TRP A 404 10.13 -5.85 20.25
CA TRP A 404 10.81 -4.73 20.86
C TRP A 404 11.19 -5.06 22.29
N ARG A 405 12.50 -5.10 22.56
CA ARG A 405 13.00 -5.62 23.83
C ARG A 405 12.33 -6.96 24.16
N GLY A 406 12.06 -7.75 23.12
CA GLY A 406 11.48 -9.08 23.32
C GLY A 406 9.96 -9.09 23.34
N HIS A 407 9.35 -7.91 23.39
CA HIS A 407 7.89 -7.81 23.48
C HIS A 407 7.23 -7.78 22.11
N ALA A 408 6.10 -8.46 21.99
CA ALA A 408 5.25 -8.35 20.80
C ALA A 408 4.41 -7.08 20.86
N MET A 409 4.44 -6.30 19.78
CA MET A 409 3.78 -4.99 19.74
C MET A 409 2.81 -4.91 18.58
N GLU A 410 1.76 -4.10 18.74
CA GLU A 410 0.96 -3.67 17.59
C GLU A 410 1.43 -2.32 17.08
N VAL A 411 1.44 -2.14 15.76
CA VAL A 411 1.79 -0.86 15.16
C VAL A 411 0.67 -0.39 14.26
N GLY A 412 0.67 0.90 13.91
CA GLY A 412 -0.34 1.45 13.01
C GLY A 412 -0.99 2.71 13.54
N PRO A 413 -1.99 3.21 12.83
CA PRO A 413 -2.65 4.46 13.25
C PRO A 413 -3.19 4.38 14.68
N LEU A 414 -3.81 3.26 15.03
CA LEU A 414 -4.31 3.07 16.39
C LEU A 414 -3.19 3.20 17.42
N SER A 415 -2.05 2.55 17.15
CA SER A 415 -0.92 2.65 18.05
C SER A 415 -0.45 4.10 18.19
N ARG A 416 -0.36 4.80 17.05
CA ARG A 416 0.03 6.20 17.06
C ARG A 416 -0.94 7.07 17.84
N TYR A 417 -2.23 6.76 17.76
CA TYR A 417 -3.23 7.56 18.45
C TYR A 417 -3.32 7.27 19.95
N ILE A 418 -3.08 6.02 20.34
CA ILE A 418 -2.92 5.71 21.74
C ILE A 418 -1.67 6.38 22.32
N LEU A 419 -0.58 6.36 21.55
CA LEU A 419 0.65 7.01 21.99
C LEU A 419 0.48 8.53 22.10
N ALA A 420 -0.20 9.12 21.12
CA ALA A 420 -0.43 10.54 21.13
C ALA A 420 -1.27 10.94 22.33
N TYR A 421 -2.27 10.12 22.62
CA TYR A 421 -3.14 10.37 23.77
C TYR A 421 -2.35 10.33 25.07
N ALA A 422 -1.49 9.33 25.20
CA ALA A 422 -0.66 9.18 26.39
C ALA A 422 0.32 10.34 26.54
N HIS A 423 0.95 10.73 25.44
CA HIS A 423 1.83 11.89 25.43
C HIS A 423 1.09 13.15 25.85
N ALA A 424 -0.08 13.37 25.26
CA ALA A 424 -0.88 14.56 25.53
C ALA A 424 -1.20 14.66 27.01
N ARG A 425 -1.55 13.54 27.63
CA ARG A 425 -1.88 13.50 29.04
CA ARG A 425 -1.88 13.51 29.04
C ARG A 425 -0.66 13.74 29.91
N SER A 426 0.52 13.43 29.37
CA SER A 426 1.78 13.65 30.09
C SER A 426 2.28 15.08 29.92
N GLY A 427 1.57 15.86 29.09
CA GLY A 427 1.84 17.29 28.97
C GLY A 427 2.50 17.67 27.65
N ASN A 428 2.50 16.74 26.71
CA ASN A 428 3.07 17.01 25.39
C ASN A 428 2.12 17.79 24.49
N LYS A 429 2.46 19.03 24.20
CA LYS A 429 1.56 19.93 23.47
C LYS A 429 1.45 19.57 22.00
N TYR A 430 2.48 18.93 21.46
CA TYR A 430 2.51 18.59 20.05
C TYR A 430 1.44 17.55 19.70
N ALA A 431 0.92 16.89 20.73
CA ALA A 431 -0.08 15.83 20.52
C ALA A 431 -1.50 16.31 20.79
N GLU A 432 -1.67 17.63 20.87
CA GLU A 432 -2.95 18.21 21.26
C GLU A 432 -4.09 17.86 20.29
N ARG A 433 -3.78 17.90 19.00
CA ARG A 433 -4.82 17.73 17.98
C ARG A 433 -5.40 16.30 17.96
N PRO A 434 -4.52 15.27 18.00
CA PRO A 434 -5.02 13.90 18.07
C PRO A 434 -5.89 13.67 19.31
N LYS A 435 -5.47 14.25 20.44
CA LYS A 435 -6.25 14.13 21.68
C LYS A 435 -7.63 14.73 21.48
N GLU A 436 -7.68 15.91 20.88
CA GLU A 436 -8.95 16.57 20.58
C GLU A 436 -9.83 15.70 19.68
N GLN A 437 -9.22 15.10 18.66
CA GLN A 437 -9.94 14.23 17.74
C GLN A 437 -10.57 13.06 18.48
N LEU A 438 -9.81 12.46 19.39
CA LEU A 438 -10.25 11.28 20.11
C LEU A 438 -11.42 11.60 21.05
N GLU A 439 -11.31 12.72 21.75
CA GLU A 439 -12.35 13.13 22.67
C GLU A 439 -13.63 13.51 21.95
N TYR A 440 -13.49 14.18 20.80
CA TYR A 440 -14.62 14.47 19.93
C TYR A 440 -15.30 13.19 19.48
N SER A 441 -14.50 12.22 19.04
CA SER A 441 -15.02 10.97 18.52
C SER A 441 -15.76 10.17 19.58
N ALA A 442 -15.19 10.13 20.78
CA ALA A 442 -15.81 9.43 21.89
C ALA A 442 -17.20 10.00 22.17
N GLN A 443 -17.30 11.32 22.17
CA GLN A 443 -18.58 11.98 22.43
C GLN A 443 -19.61 11.70 21.33
N MET A 444 -19.13 11.67 20.08
CA MET A 444 -20.01 11.35 18.95
C MET A 444 -20.52 9.92 19.03
N ILE A 445 -19.61 8.99 19.32
CA ILE A 445 -19.95 7.57 19.35
C ILE A 445 -20.79 7.21 20.57
N ASN A 446 -20.49 7.84 21.70
CA ASN A 446 -21.20 7.56 22.96
C ASN A 446 -22.57 8.22 23.04
N SER A 447 -22.67 9.44 22.52
CA SER A 447 -23.75 10.34 22.89
C SER A 447 -24.41 11.00 21.69
N ALA A 448 -23.62 11.72 20.89
CA ALA A 448 -24.17 12.63 19.89
C ALA A 448 -24.88 11.88 18.77
N ILE A 449 -24.23 10.84 18.24
CA ILE A 449 -24.82 10.08 17.14
C ILE A 449 -25.98 9.18 17.61
N PRO A 450 -25.82 8.53 18.78
CA PRO A 450 -26.92 7.78 19.38
C PRO A 450 -28.17 8.64 19.54
N LYS A 451 -28.01 9.84 20.10
CA LYS A 451 -29.13 10.76 20.28
C LYS A 451 -29.77 11.10 18.93
N ALA A 452 -28.93 11.35 17.93
CA ALA A 452 -29.42 11.71 16.60
C ALA A 452 -30.19 10.57 15.95
N LEU A 453 -29.78 9.33 16.24
CA LEU A 453 -30.37 8.15 15.59
C LEU A 453 -31.44 7.50 16.47
N GLY A 454 -31.72 8.11 17.61
CA GLY A 454 -32.71 7.56 18.55
C GLY A 454 -32.26 6.26 19.18
N LEU A 455 -30.96 6.15 19.42
CA LEU A 455 -30.40 4.98 20.09
C LEU A 455 -29.98 5.33 21.52
N PRO A 456 -29.82 4.31 22.37
CA PRO A 456 -29.38 4.52 23.74
C PRO A 456 -27.97 5.08 23.80
N GLU A 457 -27.73 6.01 24.72
CA GLU A 457 -26.39 6.55 24.93
C GLU A 457 -25.55 5.57 25.72
N THR A 458 -24.25 5.52 25.40
CA THR A 458 -23.32 4.70 26.16
C THR A 458 -22.28 5.56 26.85
N GLN A 459 -21.40 4.92 27.62
CA GLN A 459 -20.45 5.65 28.44
C GLN A 459 -19.06 5.01 28.41
N TYR A 460 -18.70 4.45 27.26
CA TYR A 460 -17.37 3.90 27.07
C TYR A 460 -16.31 4.98 27.19
N THR A 461 -15.26 4.71 27.94
CA THR A 461 -14.06 5.53 27.91
C THR A 461 -13.20 5.15 26.71
N LEU A 462 -12.24 6.01 26.39
CA LEU A 462 -11.31 5.72 25.32
C LEU A 462 -10.51 4.45 25.61
N LYS A 463 -10.16 4.25 26.87
CA LYS A 463 -9.44 3.04 27.29
C LYS A 463 -10.24 1.79 26.92
N GLN A 464 -11.56 1.89 26.98
CA GLN A 464 -12.42 0.76 26.67
C GLN A 464 -12.74 0.67 25.17
N LEU A 465 -12.81 1.84 24.53
CA LEU A 465 -13.30 1.93 23.16
C LEU A 465 -12.18 1.71 22.11
N LEU A 466 -11.00 2.23 22.39
CA LEU A 466 -9.93 2.27 21.37
C LEU A 466 -9.37 0.89 21.01
N PRO A 467 -9.11 0.04 22.04
CA PRO A 467 -8.56 -1.29 21.76
C PRO A 467 -9.64 -2.23 21.22
N SER A 468 -9.96 -2.06 19.95
CA SER A 468 -11.01 -2.83 19.32
C SER A 468 -10.90 -2.63 17.83
N THR A 469 -11.56 -3.49 17.07
CA THR A 469 -11.55 -3.34 15.62
C THR A 469 -12.21 -2.03 15.18
N ILE A 470 -13.30 -1.64 15.87
CA ILE A 470 -13.89 -0.31 15.67
C ILE A 470 -12.88 0.81 15.94
N GLY A 471 -12.19 0.73 17.07
CA GLY A 471 -11.19 1.75 17.43
C GLY A 471 -10.07 1.83 16.41
N ARG A 472 -9.63 0.69 15.91
CA ARG A 472 -8.54 0.63 14.97
C ARG A 472 -8.95 1.29 13.65
N THR A 473 -10.19 1.09 13.27
CA THR A 473 -10.75 1.68 12.07
C THR A 473 -10.94 3.19 12.24
N LEU A 474 -11.39 3.60 13.42
CA LEU A 474 -11.56 5.01 13.73
C LEU A 474 -10.23 5.76 13.69
N ALA A 475 -9.21 5.20 14.34
CA ALA A 475 -7.91 5.86 14.42
C ALA A 475 -7.35 6.15 13.02
N ARG A 476 -7.55 5.22 12.10
CA ARG A 476 -7.10 5.40 10.71
C ARG A 476 -7.76 6.63 10.07
N ALA A 477 -9.07 6.75 10.25
CA ALA A 477 -9.81 7.89 9.70
C ALA A 477 -9.34 9.21 10.33
N LEU A 478 -9.17 9.21 11.65
CA LEU A 478 -8.71 10.41 12.33
C LEU A 478 -7.33 10.81 11.85
N GLU A 479 -6.46 9.83 11.64
CA GLU A 479 -5.12 10.10 11.17
C GLU A 479 -5.12 10.70 9.78
N SER A 480 -5.97 10.19 8.92
CA SER A 480 -6.14 10.78 7.59
C SER A 480 -6.48 12.26 7.72
N GLN A 481 -7.45 12.57 8.55
CA GLN A 481 -7.85 13.95 8.75
C GLN A 481 -6.67 14.81 9.25
N TYR A 482 -5.96 14.30 10.25
CA TYR A 482 -4.85 15.03 10.87
C TYR A 482 -3.75 15.27 9.85
N CYS A 483 -3.50 14.29 9.02
CA CYS A 483 -2.48 14.41 7.98
C CYS A 483 -2.83 15.45 6.93
N GLY A 484 -4.09 15.51 6.55
CA GLY A 484 -4.56 16.54 5.64
C GLY A 484 -4.35 17.92 6.21
N GLU A 485 -4.69 18.08 7.49
CA GLU A 485 -4.52 19.36 8.17
C GLU A 485 -3.05 19.76 8.23
N MET A 486 -2.20 18.79 8.54
CA MET A 486 -0.77 19.06 8.68
C MET A 486 -0.13 19.51 7.37
N MET A 487 -0.46 18.86 6.27
CA MET A 487 0.19 19.20 5.02
C MET A 487 -0.32 20.52 4.44
N HIS A 488 -1.50 20.94 4.89
CA HIS A 488 -1.97 22.29 4.64
C HIS A 488 -0.99 23.33 5.22
N SER A 489 -0.58 23.11 6.46
CA SER A 489 0.43 23.95 7.09
C SER A 489 1.79 23.83 6.40
N ASP A 490 2.17 22.61 6.03
CA ASP A 490 3.45 22.38 5.34
C ASP A 490 3.51 23.20 4.05
N TRP A 491 2.41 23.25 3.32
CA TRP A 491 2.34 23.99 2.07
C TRP A 491 2.65 25.47 2.30
N HIS A 492 2.04 26.04 3.34
CA HIS A 492 2.27 27.44 3.68
C HIS A 492 3.73 27.69 4.04
N ASP A 493 4.32 26.76 4.78
CA ASP A 493 5.72 26.90 5.20
C ASP A 493 6.66 26.81 4.00
N LEU A 494 6.32 25.94 3.05
CA LEU A 494 7.11 25.77 1.84
C LEU A 494 7.08 27.04 0.99
N VAL A 495 5.89 27.55 0.73
CA VAL A 495 5.74 28.75 -0.07
C VAL A 495 6.42 29.95 0.60
N ALA A 496 6.29 30.06 1.91
CA ALA A 496 6.93 31.13 2.66
C ALA A 496 8.46 31.07 2.53
N ASN A 497 9.01 29.87 2.63
CA ASN A 497 10.45 29.70 2.56
C ASN A 497 10.98 30.09 1.19
N ILE A 498 10.27 29.65 0.15
CA ILE A 498 10.65 29.97 -1.21
C ILE A 498 10.62 31.47 -1.47
N ARG A 499 9.56 32.13 -1.01
CA ARG A 499 9.39 33.56 -1.23
C ARG A 499 10.41 34.38 -0.44
N ALA A 500 10.90 33.80 0.66
CA ALA A 500 11.94 34.45 1.45
C ALA A 500 13.30 34.38 0.75
N GLY A 501 13.38 33.56 -0.28
CA GLY A 501 14.55 33.54 -1.15
C GLY A 501 15.32 32.25 -1.11
N ASP A 502 14.84 31.28 -0.32
CA ASP A 502 15.47 29.96 -0.28
C ASP A 502 14.81 29.01 -1.26
N THR A 503 15.47 28.78 -2.39
CA THR A 503 14.91 27.92 -3.43
C THR A 503 15.60 26.55 -3.51
N ALA A 504 16.53 26.29 -2.60
CA ALA A 504 17.32 25.05 -2.65
C ALA A 504 16.45 23.81 -2.48
N THR A 505 16.72 22.78 -3.28
CA THR A 505 15.97 21.52 -3.18
C THR A 505 16.88 20.30 -3.01
N ALA A 506 18.17 20.49 -3.18
CA ALA A 506 19.11 19.36 -3.09
C ALA A 506 20.44 19.75 -2.47
N ASN A 507 20.93 18.91 -1.57
CA ASN A 507 22.30 19.02 -1.08
C ASN A 507 23.18 17.99 -1.77
N VAL A 508 24.07 18.45 -2.64
CA VAL A 508 24.86 17.56 -3.49
C VAL A 508 26.31 17.45 -3.03
N ASP A 509 26.61 18.00 -1.86
CA ASP A 509 27.97 18.01 -1.35
C ASP A 509 28.57 16.60 -1.32
N LYS A 510 27.73 15.62 -1.01
CA LYS A 510 28.19 14.25 -0.87
C LYS A 510 27.50 13.31 -1.87
N TRP A 511 27.12 13.85 -3.01
CA TRP A 511 26.51 13.04 -4.06
C TRP A 511 27.51 12.02 -4.63
N ASP A 512 28.74 12.46 -4.87
CA ASP A 512 29.75 11.58 -5.46
C ASP A 512 30.35 10.64 -4.40
N PRO A 513 30.40 9.34 -4.71
CA PRO A 513 30.87 8.33 -3.74
C PRO A 513 32.33 8.53 -3.34
N ALA A 514 33.07 9.29 -4.13
CA ALA A 514 34.47 9.59 -3.81
C ALA A 514 34.57 10.43 -2.54
N THR A 515 33.44 11.01 -2.12
CA THR A 515 33.40 11.85 -0.93
C THR A 515 32.95 11.08 0.31
N TRP A 516 32.51 9.85 0.11
CA TRP A 516 31.93 9.06 1.21
C TRP A 516 32.99 8.48 2.14
N PRO A 517 32.63 8.24 3.40
CA PRO A 517 33.40 7.33 4.22
C PRO A 517 33.39 5.95 3.62
N LEU A 518 34.50 5.23 3.76
CA LEU A 518 34.66 3.93 3.13
C LEU A 518 33.78 2.88 3.79
N GLN A 519 33.41 3.12 5.04
CA GLN A 519 32.39 2.32 5.71
C GLN A 519 31.41 3.23 6.43
N ALA A 520 30.13 2.84 6.44
CA ALA A 520 29.10 3.64 7.10
C ALA A 520 27.86 2.81 7.36
N LYS A 521 27.10 3.20 8.37
CA LYS A 521 25.80 2.61 8.61
C LYS A 521 24.78 3.68 8.92
N GLY A 522 23.54 3.45 8.48
CA GLY A 522 22.49 4.41 8.67
C GLY A 522 21.15 3.75 8.87
N VAL A 523 20.22 4.49 9.46
CA VAL A 523 18.85 4.03 9.59
C VAL A 523 17.90 5.14 9.24
N GLY A 524 16.83 4.80 8.53
CA GLY A 524 15.77 5.73 8.26
C GLY A 524 14.45 5.17 8.73
N THR A 525 13.69 5.98 9.44
CA THR A 525 12.37 5.54 9.89
C THR A 525 11.27 6.44 9.35
N VAL A 526 10.09 5.86 9.18
CA VAL A 526 8.96 6.56 8.59
C VAL A 526 7.70 6.09 9.30
N ALA A 527 6.78 7.02 9.54
CA ALA A 527 5.44 6.67 9.96
C ALA A 527 4.60 6.33 8.74
N ALA A 528 4.75 5.12 8.25
CA ALA A 528 4.02 4.67 7.09
C ALA A 528 2.54 4.53 7.43
N PRO A 529 1.69 4.47 6.41
CA PRO A 529 0.25 4.39 6.67
C PRO A 529 -0.11 3.25 7.63
N ARG A 530 0.61 2.14 7.58
CA ARG A 530 0.24 0.97 8.38
C ARG A 530 1.02 0.84 9.70
N GLY A 531 1.92 1.78 9.95
CA GLY A 531 2.65 1.82 11.22
C GLY A 531 4.14 2.09 11.07
N ALA A 532 4.94 1.46 11.92
CA ALA A 532 6.34 1.82 12.06
C ALA A 532 7.19 1.14 11.00
N LEU A 533 7.84 1.96 10.15
CA LEU A 533 8.71 1.46 9.09
C LEU A 533 10.16 1.87 9.34
N GLY A 534 11.08 0.92 9.20
CA GLY A 534 12.50 1.23 9.27
C GLY A 534 13.30 0.54 8.20
N HIS A 535 14.29 1.26 7.64
CA HIS A 535 15.30 0.67 6.77
C HIS A 535 16.66 0.86 7.43
N TRP A 536 17.42 -0.22 7.53
CA TRP A 536 18.77 -0.19 8.10
C TRP A 536 19.78 -0.57 7.02
N ILE A 537 20.75 0.30 6.77
CA ILE A 537 21.72 0.09 5.70
C ILE A 537 23.17 0.07 6.23
N ARG A 538 23.98 -0.81 5.65
CA ARG A 538 25.42 -0.75 5.80
C ARG A 538 26.06 -0.51 4.44
N ILE A 539 26.98 0.45 4.38
CA ILE A 539 27.68 0.78 3.15
C ILE A 539 29.15 0.46 3.29
N LYS A 540 29.74 -0.08 2.24
CA LYS A 540 31.15 -0.42 2.23
C LYS A 540 31.73 -0.21 0.84
N ASP A 541 32.76 0.63 0.74
CA ASP A 541 33.41 0.91 -0.53
C ASP A 541 32.41 1.31 -1.60
N GLY A 542 31.45 2.15 -1.22
CA GLY A 542 30.51 2.74 -2.17
C GLY A 542 29.34 1.84 -2.52
N ARG A 543 29.29 0.66 -1.91
CA ARG A 543 28.26 -0.33 -2.25
C ARG A 543 27.46 -0.72 -1.03
N ILE A 544 26.27 -1.29 -1.27
CA ILE A 544 25.44 -1.79 -0.18
C ILE A 544 26.01 -3.10 0.36
N GLU A 545 26.40 -3.10 1.64
CA GLU A 545 26.88 -4.31 2.31
C GLU A 545 25.72 -5.09 2.92
N ASN A 546 24.82 -4.39 3.57
CA ASN A 546 23.61 -4.99 4.11
C ASN A 546 22.47 -4.01 4.00
N TYR A 547 21.28 -4.52 3.73
CA TYR A 547 20.09 -3.70 3.69
C TYR A 547 18.94 -4.49 4.23
N GLN A 548 18.40 -4.04 5.35
CA GLN A 548 17.35 -4.77 6.03
C GLN A 548 16.15 -3.86 6.30
N CYS A 549 14.96 -4.33 5.95
CA CYS A 549 13.73 -3.61 6.17
C CYS A 549 12.91 -4.30 7.23
N VAL A 550 12.36 -3.53 8.15
CA VAL A 550 11.33 -4.02 9.05
C VAL A 550 10.11 -3.14 8.89
N VAL A 551 9.02 -3.74 8.44
CA VAL A 551 7.92 -2.99 7.87
C VAL A 551 6.65 -3.17 8.74
N PRO A 552 5.70 -2.22 8.67
CA PRO A 552 4.62 -2.27 9.65
C PRO A 552 3.90 -3.62 9.68
N THR A 553 3.56 -4.15 8.52
CA THR A 553 2.84 -5.43 8.49
C THR A 553 3.75 -6.61 8.86
N THR A 554 5.07 -6.42 8.81
CA THR A 554 5.98 -7.39 9.42
C THR A 554 5.69 -7.50 10.92
N TRP A 555 5.57 -6.35 11.59
CA TRP A 555 5.19 -6.35 13.00
C TRP A 555 3.81 -7.02 13.19
N ASN A 556 2.80 -6.46 12.54
CA ASN A 556 1.43 -6.86 12.83
C ASN A 556 1.12 -8.30 12.43
N GLY A 557 1.65 -8.72 11.27
CA GLY A 557 1.32 -10.02 10.71
C GLY A 557 2.31 -11.10 11.12
N SER A 558 3.23 -10.75 12.02
CA SER A 558 4.32 -11.65 12.39
CA SER A 558 4.33 -11.63 12.44
C SER A 558 3.81 -12.98 12.95
N PRO A 559 4.53 -14.07 12.64
CA PRO A 559 4.26 -15.33 13.28
C PRO A 559 4.86 -15.36 14.68
N ARG A 560 4.70 -16.47 15.37
CA ARG A 560 5.16 -16.57 16.74
C ARG A 560 6.70 -16.49 16.82
N ASP A 561 7.20 -15.98 17.95
CA ASP A 561 8.65 -15.86 18.15
C ASP A 561 9.21 -17.05 18.92
N TYR A 562 10.47 -16.94 19.33
CA TYR A 562 11.15 -18.06 19.99
C TYR A 562 10.42 -18.45 21.27
N LYS A 563 9.91 -17.46 21.99
CA LYS A 563 9.18 -17.68 23.23
C LYS A 563 7.74 -18.15 23.00
N GLY A 564 7.30 -18.11 21.74
CA GLY A 564 5.96 -18.55 21.39
C GLY A 564 4.92 -17.45 21.53
N GLN A 565 5.38 -16.22 21.74
CA GLN A 565 4.46 -15.07 21.79
C GLN A 565 3.84 -14.81 20.43
N ILE A 566 2.55 -14.47 20.43
CA ILE A 566 1.83 -14.19 19.18
C ILE A 566 1.89 -12.72 18.80
N GLY A 567 1.79 -12.45 17.50
CA GLY A 567 1.75 -11.08 17.00
C GLY A 567 0.34 -10.51 16.91
N ALA A 568 0.23 -9.30 16.37
CA ALA A 568 -1.00 -8.51 16.46
C ALA A 568 -2.21 -9.15 15.75
N PHE A 569 -1.98 -9.65 14.52
CA PHE A 569 -3.07 -10.29 13.76
C PHE A 569 -3.65 -11.44 14.58
N GLU A 570 -2.78 -12.32 15.03
CA GLU A 570 -3.22 -13.53 15.69
C GLU A 570 -3.94 -13.20 17.01
N ALA A 571 -3.43 -12.21 17.74
CA ALA A 571 -4.05 -11.78 18.99
C ALA A 571 -5.44 -11.16 18.74
N SER A 572 -5.57 -10.44 17.63
CA SER A 572 -6.78 -9.68 17.35
C SER A 572 -7.97 -10.59 17.03
N LEU A 573 -7.67 -11.77 16.50
CA LEU A 573 -8.71 -12.72 16.12
C LEU A 573 -9.19 -13.53 17.32
N MET A 574 -8.31 -13.72 18.31
CA MET A 574 -8.66 -14.48 19.50
C MET A 574 -9.93 -13.93 20.17
N ASN A 575 -10.76 -14.84 20.68
CA ASN A 575 -11.88 -14.47 21.53
C ASN A 575 -13.02 -13.82 20.76
N THR A 576 -13.07 -14.08 19.46
CA THR A 576 -14.10 -13.52 18.61
C THR A 576 -15.10 -14.58 18.16
N PRO A 577 -16.39 -14.36 18.42
CA PRO A 577 -17.41 -15.28 17.94
C PRO A 577 -17.67 -15.13 16.45
N MET A 578 -17.89 -16.26 15.77
CA MET A 578 -18.29 -16.24 14.36
C MET A 578 -19.74 -16.66 14.25
N VAL A 579 -20.50 -15.91 13.45
CA VAL A 579 -21.88 -16.27 13.16
C VAL A 579 -21.95 -17.60 12.42
N ASN A 580 -21.08 -17.75 11.42
CA ASN A 580 -20.99 -18.99 10.67
C ASN A 580 -19.54 -19.32 10.34
N PRO A 581 -19.00 -20.39 10.93
CA PRO A 581 -17.58 -20.70 10.81
C PRO A 581 -17.12 -20.81 9.35
N GLU A 582 -18.07 -21.01 8.45
CA GLU A 582 -17.75 -21.23 7.04
C GLU A 582 -17.84 -19.93 6.23
N GLN A 583 -18.23 -18.85 6.89
CA GLN A 583 -18.16 -17.52 6.29
C GLN A 583 -17.26 -16.62 7.12
N PRO A 584 -16.09 -16.25 6.57
CA PRO A 584 -15.06 -15.58 7.38
C PRO A 584 -15.31 -14.08 7.57
N VAL A 585 -16.56 -13.69 7.75
CA VAL A 585 -16.91 -12.27 7.83
C VAL A 585 -16.16 -11.55 8.96
N GLU A 586 -16.21 -12.13 10.16
CA GLU A 586 -15.60 -11.51 11.32
C GLU A 586 -14.08 -11.54 11.22
N ILE A 587 -13.54 -12.63 10.68
CA ILE A 587 -12.11 -12.74 10.44
C ILE A 587 -11.64 -11.62 9.52
N LEU A 588 -12.32 -11.46 8.40
CA LEU A 588 -11.97 -10.42 7.44
C LEU A 588 -12.10 -9.02 8.05
N ARG A 589 -13.18 -8.80 8.79
CA ARG A 589 -13.44 -7.48 9.37
C ARG A 589 -12.28 -7.05 10.27
N THR A 590 -11.83 -7.96 11.11
CA THR A 590 -10.75 -7.64 12.03
C THR A 590 -9.38 -7.58 11.35
N LEU A 591 -9.05 -8.59 10.53
CA LEU A 591 -7.79 -8.55 9.77
C LEU A 591 -7.70 -7.26 8.96
N HIS A 592 -8.77 -6.95 8.24
CA HIS A 592 -8.77 -5.77 7.39
C HIS A 592 -8.58 -4.47 8.19
N SER A 593 -8.96 -4.48 9.47
CA SER A 593 -8.80 -3.28 10.28
C SER A 593 -7.33 -2.90 10.50
N PHE A 594 -6.43 -3.85 10.24
CA PHE A 594 -4.98 -3.58 10.27
C PHE A 594 -4.46 -3.05 8.94
N ASP A 595 -5.29 -3.15 7.91
CA ASP A 595 -4.88 -2.77 6.57
C ASP A 595 -3.63 -3.59 6.15
N PRO A 596 -3.75 -4.93 6.16
CA PRO A 596 -2.57 -5.78 5.93
C PRO A 596 -1.94 -5.52 4.57
N CYS A 597 -0.64 -5.30 4.55
CA CYS A 597 0.10 -5.16 3.32
C CYS A 597 1.15 -6.25 3.24
N LEU A 598 0.84 -7.32 2.52
CA LEU A 598 1.62 -8.53 2.61
C LEU A 598 2.91 -8.47 1.80
N ALA A 599 2.88 -7.75 0.67
CA ALA A 599 4.10 -7.48 -0.07
C ALA A 599 5.07 -6.67 0.78
N CYS A 600 4.54 -5.69 1.52
CA CYS A 600 5.34 -4.95 2.48
C CYS A 600 5.93 -5.87 3.54
N SER A 601 5.10 -6.76 4.06
CA SER A 601 5.49 -7.53 5.25
C SER A 601 6.68 -8.43 4.96
N THR A 602 6.79 -8.87 3.71
CA THR A 602 7.76 -9.91 3.33
C THR A 602 8.91 -9.33 2.50
N HIS A 603 8.60 -8.35 1.65
CA HIS A 603 9.59 -7.72 0.79
C HIS A 603 10.61 -8.71 0.20
N PRO B 5 -24.02 -8.51 -22.32
CA PRO B 5 -23.13 -9.39 -21.57
C PRO B 5 -21.69 -8.86 -21.54
N ARG B 6 -21.26 -8.37 -20.37
CA ARG B 6 -19.93 -7.79 -20.23
C ARG B 6 -18.87 -8.87 -20.15
N THR B 7 -17.74 -8.65 -20.83
CA THR B 7 -16.67 -9.64 -20.87
C THR B 7 -16.06 -9.86 -19.49
N PRO B 8 -16.05 -11.11 -19.01
CA PRO B 8 -15.43 -11.43 -17.74
C PRO B 8 -13.93 -11.23 -17.78
N VAL B 9 -13.40 -10.62 -16.73
CA VAL B 9 -11.97 -10.54 -16.53
C VAL B 9 -11.60 -11.26 -15.24
N LEU B 10 -10.69 -12.21 -15.34
CA LEU B 10 -10.09 -12.80 -14.17
C LEU B 10 -8.70 -12.22 -13.98
N TRP B 11 -8.55 -11.45 -12.91
CA TRP B 11 -7.34 -10.68 -12.66
C TRP B 11 -6.52 -11.39 -11.58
N LEU B 12 -5.49 -12.12 -11.99
CA LEU B 12 -4.65 -12.87 -11.07
C LEU B 12 -3.49 -12.03 -10.57
N HIS B 13 -3.02 -12.35 -9.37
CA HIS B 13 -1.88 -11.66 -8.77
C HIS B 13 -0.80 -12.68 -8.38
N GLY B 14 0.39 -12.50 -8.93
CA GLY B 14 1.55 -13.31 -8.52
C GLY B 14 2.42 -12.59 -7.52
N LEU B 15 3.74 -12.76 -7.63
CA LEU B 15 4.67 -11.87 -6.94
C LEU B 15 4.59 -10.49 -7.54
N GLU B 16 4.38 -9.48 -6.70
CA GLU B 16 4.03 -8.16 -7.16
CA GLU B 16 3.87 -8.18 -7.13
C GLU B 16 4.09 -7.16 -6.02
N CYS B 17 3.95 -5.89 -6.36
CA CYS B 17 3.83 -4.84 -5.34
C CYS B 17 2.48 -4.16 -5.42
N THR B 18 1.67 -4.57 -6.40
CA THR B 18 0.30 -4.08 -6.59
C THR B 18 0.24 -2.66 -7.22
N CYS B 19 1.37 -2.20 -7.73
CA CYS B 19 1.40 -0.90 -8.39
C CYS B 19 0.55 -0.85 -9.66
N CYS B 20 0.37 -2.00 -10.29
CA CYS B 20 -0.38 -2.05 -11.54
C CYS B 20 -1.89 -1.93 -11.32
N SER B 21 -2.38 -2.59 -10.28
CA SER B 21 -3.77 -2.41 -9.84
C SER B 21 -4.03 -0.97 -9.45
N GLU B 22 -3.10 -0.38 -8.71
CA GLU B 22 -3.27 0.98 -8.23
C GLU B 22 -3.29 1.97 -9.39
N SER B 23 -2.39 1.78 -10.37
CA SER B 23 -2.39 2.65 -11.55
C SER B 23 -3.72 2.55 -12.28
N PHE B 24 -4.22 1.33 -12.43
CA PHE B 24 -5.47 1.10 -13.16
C PHE B 24 -6.60 2.00 -12.65
N ILE B 25 -6.72 2.11 -11.33
CA ILE B 25 -7.82 2.87 -10.75
C ILE B 25 -7.59 4.39 -10.77
N ARG B 26 -6.44 4.83 -11.29
CA ARG B 26 -6.21 6.27 -11.50
C ARG B 26 -6.79 6.77 -12.81
N SER B 27 -7.25 5.86 -13.66
CA SER B 27 -7.68 6.22 -15.00
C SER B 27 -8.81 7.24 -14.95
N ALA B 28 -8.68 8.31 -15.74
CA ALA B 28 -9.71 9.33 -15.81
C ALA B 28 -10.59 9.14 -17.04
N HIS B 29 -10.02 8.58 -18.09
CA HIS B 29 -10.74 8.35 -19.34
C HIS B 29 -10.36 7.01 -19.96
N PRO B 30 -11.18 5.98 -19.70
CA PRO B 30 -12.39 6.07 -18.90
C PRO B 30 -12.11 5.90 -17.41
N LEU B 31 -13.07 6.27 -16.58
CA LEU B 31 -13.00 6.01 -15.14
C LEU B 31 -12.97 4.51 -14.87
N ALA B 32 -12.15 4.12 -13.90
CA ALA B 32 -12.15 2.74 -13.44
C ALA B 32 -13.56 2.31 -13.00
N LYS B 33 -14.27 3.20 -12.33
CA LYS B 33 -15.64 2.93 -11.91
C LYS B 33 -16.49 2.47 -13.08
N ASP B 34 -16.34 3.14 -14.22
CA ASP B 34 -17.15 2.86 -15.40
C ASP B 34 -16.71 1.56 -16.08
N VAL B 35 -15.40 1.30 -16.05
CA VAL B 35 -14.87 0.05 -16.58
C VAL B 35 -15.48 -1.15 -15.84
N VAL B 36 -15.46 -1.09 -14.51
CA VAL B 36 -15.92 -2.21 -13.68
C VAL B 36 -17.44 -2.40 -13.73
N LEU B 37 -18.17 -1.29 -13.83
CA LEU B 37 -19.63 -1.35 -13.75
C LEU B 37 -20.30 -1.55 -15.11
N SER B 38 -19.62 -1.13 -16.18
CA SER B 38 -20.28 -0.97 -17.47
C SER B 38 -19.56 -1.65 -18.64
N MET B 39 -18.29 -1.98 -18.47
CA MET B 39 -17.47 -2.45 -19.59
C MET B 39 -17.06 -3.92 -19.46
N ILE B 40 -16.44 -4.26 -18.33
CA ILE B 40 -16.08 -5.64 -18.06
C ILE B 40 -16.89 -6.19 -16.92
N SER B 41 -16.77 -7.48 -16.68
CA SER B 41 -17.16 -8.06 -15.41
C SER B 41 -15.94 -8.54 -14.67
N LEU B 42 -15.52 -7.76 -13.67
CA LEU B 42 -14.34 -8.10 -12.89
C LEU B 42 -14.68 -9.14 -11.84
N ASP B 43 -14.53 -10.40 -12.19
CA ASP B 43 -15.15 -11.48 -11.45
C ASP B 43 -14.20 -12.06 -10.41
N TYR B 44 -12.92 -11.92 -10.66
CA TYR B 44 -11.91 -12.35 -9.72
C TYR B 44 -10.67 -11.49 -9.64
N ASP B 45 -10.46 -10.88 -8.50
CA ASP B 45 -9.42 -9.89 -8.30
C ASP B 45 -9.18 -9.73 -6.79
N ASP B 46 -8.02 -10.19 -6.34
CA ASP B 46 -7.76 -10.30 -4.90
C ASP B 46 -7.96 -8.96 -4.18
N THR B 47 -7.71 -7.87 -4.89
CA THR B 47 -7.64 -6.56 -4.27
C THR B 47 -9.01 -6.03 -3.85
N LEU B 48 -10.03 -6.35 -4.64
CA LEU B 48 -11.32 -5.65 -4.54
C LEU B 48 -12.48 -6.58 -4.21
N MET B 49 -12.29 -7.87 -4.42
CA MET B 49 -13.42 -8.81 -4.41
C MET B 49 -13.96 -9.09 -3.01
N ALA B 50 -15.27 -9.23 -2.91
CA ALA B 50 -15.94 -9.46 -1.63
C ALA B 50 -15.62 -10.84 -1.07
N ALA B 51 -15.67 -11.86 -1.92
CA ALA B 51 -15.47 -13.25 -1.48
C ALA B 51 -14.00 -13.51 -1.11
N ALA B 52 -13.79 -14.39 -0.14
CA ALA B 52 -12.44 -14.83 0.24
C ALA B 52 -12.36 -16.34 0.26
N GLY B 53 -11.15 -16.87 0.41
CA GLY B 53 -10.95 -18.30 0.65
C GLY B 53 -11.68 -19.19 -0.34
N HIS B 54 -12.46 -20.13 0.19
CA HIS B 54 -13.13 -21.13 -0.64
C HIS B 54 -14.13 -20.48 -1.60
N GLN B 55 -14.76 -19.39 -1.17
CA GLN B 55 -15.77 -18.72 -1.98
C GLN B 55 -15.12 -17.99 -3.16
N ALA B 56 -13.91 -17.49 -2.94
CA ALA B 56 -13.17 -16.82 -4.00
C ALA B 56 -12.72 -17.82 -5.05
N GLU B 57 -12.15 -18.94 -4.59
CA GLU B 57 -11.63 -19.96 -5.51
C GLU B 57 -12.75 -20.52 -6.39
N ALA B 58 -13.94 -20.65 -5.80
CA ALA B 58 -15.07 -21.23 -6.52
C ALA B 58 -15.47 -20.40 -7.73
N ILE B 59 -15.17 -19.10 -7.68
CA ILE B 59 -15.51 -18.20 -8.77
C ILE B 59 -14.77 -18.57 -10.05
N LEU B 60 -13.50 -18.95 -9.89
CA LEU B 60 -12.66 -19.25 -11.05
C LEU B 60 -13.26 -20.35 -11.90
N GLU B 61 -13.63 -21.46 -11.26
CA GLU B 61 -14.23 -22.59 -11.97
C GLU B 61 -15.54 -22.20 -12.64
N GLU B 62 -16.35 -21.43 -11.94
CA GLU B 62 -17.66 -21.03 -12.44
C GLU B 62 -17.54 -20.21 -13.73
N ILE B 63 -16.62 -19.26 -13.74
CA ILE B 63 -16.43 -18.38 -14.89
C ILE B 63 -15.77 -19.12 -16.05
N MET B 64 -14.77 -19.93 -15.74
CA MET B 64 -14.05 -20.68 -16.76
C MET B 64 -14.97 -21.65 -17.48
N THR B 65 -15.98 -22.15 -16.77
CA THR B 65 -16.95 -23.07 -17.36
C THR B 65 -17.96 -22.32 -18.23
N LYS B 66 -18.59 -21.30 -17.65
CA LYS B 66 -19.67 -20.58 -18.32
C LYS B 66 -19.14 -19.75 -19.49
N TYR B 67 -17.90 -19.31 -19.39
CA TYR B 67 -17.34 -18.37 -20.37
C TYR B 67 -16.08 -18.91 -21.03
N LYS B 68 -16.01 -20.23 -21.17
CA LYS B 68 -14.84 -20.88 -21.75
C LYS B 68 -14.44 -20.22 -23.06
N GLY B 69 -13.17 -19.81 -23.15
CA GLY B 69 -12.64 -19.20 -24.36
C GLY B 69 -13.18 -17.81 -24.63
N ASN B 70 -13.84 -17.23 -23.62
CA ASN B 70 -14.50 -15.93 -23.78
C ASN B 70 -14.32 -15.03 -22.55
N TYR B 71 -13.30 -15.32 -21.75
CA TYR B 71 -12.87 -14.38 -20.73
C TYR B 71 -11.43 -13.93 -20.96
N ILE B 72 -11.11 -12.75 -20.45
CA ILE B 72 -9.75 -12.26 -20.48
C ILE B 72 -9.05 -12.60 -19.17
N LEU B 73 -7.86 -13.17 -19.27
CA LEU B 73 -7.00 -13.33 -18.11
C LEU B 73 -6.03 -12.18 -18.02
N ALA B 74 -6.14 -11.39 -16.97
CA ALA B 74 -5.17 -10.36 -16.68
C ALA B 74 -4.24 -10.83 -15.58
N VAL B 75 -2.94 -10.67 -15.80
CA VAL B 75 -1.97 -11.08 -14.80
C VAL B 75 -1.16 -9.90 -14.31
N GLU B 76 -1.21 -9.66 -13.01
CA GLU B 76 -0.33 -8.72 -12.34
C GLU B 76 0.68 -9.53 -11.54
N GLY B 77 1.94 -9.11 -11.57
CA GLY B 77 3.00 -9.88 -10.93
C GLY B 77 3.43 -11.06 -11.77
N ASN B 78 4.17 -11.98 -11.17
CA ASN B 78 4.70 -13.12 -11.89
C ASN B 78 4.92 -14.33 -11.01
N PRO B 79 5.08 -15.51 -11.63
CA PRO B 79 5.27 -16.74 -10.87
C PRO B 79 6.74 -17.00 -10.56
N PRO B 80 7.04 -17.40 -9.32
CA PRO B 80 8.39 -17.85 -8.98
C PRO B 80 8.54 -19.34 -9.22
N LEU B 81 9.73 -19.75 -9.65
CA LEU B 81 9.99 -21.17 -9.91
C LEU B 81 10.84 -21.81 -8.81
N ASN B 82 11.53 -20.98 -8.03
CA ASN B 82 12.31 -21.48 -6.89
C ASN B 82 11.42 -21.76 -5.68
N GLN B 83 12.01 -22.32 -4.63
CA GLN B 83 11.25 -22.72 -3.43
C GLN B 83 10.09 -23.63 -3.81
N ASP B 84 10.27 -24.41 -4.86
CA ASP B 84 9.21 -25.30 -5.36
C ASP B 84 7.94 -24.53 -5.70
N GLY B 85 8.10 -23.26 -6.06
CA GLY B 85 6.96 -22.41 -6.42
C GLY B 85 6.26 -21.80 -5.22
N MET B 86 6.69 -22.17 -4.02
CA MET B 86 5.95 -21.82 -2.80
C MET B 86 6.44 -20.51 -2.16
N SER B 87 7.21 -19.73 -2.91
CA SER B 87 7.44 -18.34 -2.56
C SER B 87 6.28 -17.47 -3.03
N CYS B 88 5.31 -18.08 -3.70
CA CYS B 88 4.00 -17.45 -3.88
C CYS B 88 2.91 -18.49 -3.80
N ILE B 89 2.21 -18.53 -2.66
CA ILE B 89 1.23 -19.57 -2.39
C ILE B 89 -0.18 -19.01 -2.48
N ILE B 90 -1.04 -19.70 -3.23
CA ILE B 90 -2.46 -19.38 -3.29
C ILE B 90 -3.30 -20.64 -3.09
N GLY B 91 -4.16 -20.62 -2.09
CA GLY B 91 -4.96 -21.79 -1.76
C GLY B 91 -4.10 -23.00 -1.45
N GLY B 92 -2.95 -22.77 -0.84
CA GLY B 92 -2.08 -23.84 -0.39
C GLY B 92 -1.21 -24.44 -1.49
N ARG B 93 -1.30 -23.86 -2.69
CA ARG B 93 -0.55 -24.37 -3.85
C ARG B 93 0.26 -23.26 -4.51
N PRO B 94 1.27 -23.63 -5.31
CA PRO B 94 2.10 -22.63 -6.00
C PRO B 94 1.26 -21.79 -6.96
N PHE B 95 1.55 -20.49 -7.03
CA PHE B 95 0.85 -19.60 -7.94
C PHE B 95 0.93 -20.10 -9.38
N ILE B 96 2.08 -20.65 -9.75
CA ILE B 96 2.28 -21.09 -11.13
C ILE B 96 1.21 -22.10 -11.54
N GLU B 97 0.74 -22.88 -10.59
CA GLU B 97 -0.32 -23.85 -10.85
C GLU B 97 -1.67 -23.16 -11.13
N GLN B 98 -1.97 -22.11 -10.38
CA GLN B 98 -3.18 -21.32 -10.64
C GLN B 98 -3.09 -20.63 -12.00
N LEU B 99 -1.95 -20.04 -12.29
CA LEU B 99 -1.74 -19.32 -13.54
C LEU B 99 -1.98 -20.24 -14.74
N LYS B 100 -1.40 -21.43 -14.70
CA LYS B 100 -1.51 -22.35 -15.82
C LYS B 100 -2.95 -22.83 -16.00
N TYR B 101 -3.62 -23.06 -14.88
CA TYR B 101 -5.00 -23.52 -14.89
C TYR B 101 -5.94 -22.51 -15.55
N VAL B 102 -5.88 -21.26 -15.11
CA VAL B 102 -6.78 -20.23 -15.62
C VAL B 102 -6.42 -19.81 -17.06
N ALA B 103 -5.14 -19.86 -17.39
CA ALA B 103 -4.66 -19.48 -18.72
C ALA B 103 -5.25 -20.37 -19.82
N LYS B 104 -5.46 -21.63 -19.51
CA LYS B 104 -5.72 -22.64 -20.52
C LYS B 104 -6.96 -22.31 -21.37
N ASP B 105 -7.97 -21.71 -20.74
CA ASP B 105 -9.24 -21.46 -21.42
C ASP B 105 -9.51 -19.96 -21.66
N ALA B 106 -8.49 -19.14 -21.46
CA ALA B 106 -8.62 -17.70 -21.70
C ALA B 106 -8.72 -17.38 -23.19
N LYS B 107 -9.51 -16.36 -23.52
CA LYS B 107 -9.55 -15.83 -24.88
C LYS B 107 -8.29 -15.04 -25.19
N ALA B 108 -7.79 -14.31 -24.19
CA ALA B 108 -6.59 -13.52 -24.33
C ALA B 108 -5.96 -13.33 -22.97
N ILE B 109 -4.66 -13.08 -22.95
CA ILE B 109 -3.94 -12.83 -21.70
C ILE B 109 -3.26 -11.47 -21.73
N ILE B 110 -3.55 -10.64 -20.74
CA ILE B 110 -2.87 -9.37 -20.58
C ILE B 110 -1.80 -9.51 -19.51
N SER B 111 -0.56 -9.23 -19.89
CA SER B 111 0.54 -9.15 -18.94
C SER B 111 0.70 -7.72 -18.46
N TRP B 112 0.07 -7.39 -17.34
CA TRP B 112 0.16 -6.04 -16.78
C TRP B 112 1.57 -5.76 -16.30
N GLY B 113 2.12 -4.64 -16.72
CA GLY B 113 3.29 -4.07 -16.07
C GLY B 113 4.57 -4.82 -16.36
N SER B 114 5.66 -4.32 -15.82
CA SER B 114 6.94 -4.94 -16.04
C SER B 114 7.10 -6.29 -15.32
N CYS B 115 6.37 -6.49 -14.21
CA CYS B 115 6.41 -7.78 -13.52
C CYS B 115 5.99 -8.89 -14.48
N ALA B 116 4.77 -8.78 -15.00
CA ALA B 116 4.22 -9.84 -15.81
C ALA B 116 4.89 -9.92 -17.18
N SER B 117 5.35 -8.76 -17.67
CA SER B 117 5.95 -8.67 -19.00
C SER B 117 7.38 -9.21 -19.03
N TRP B 118 8.17 -8.83 -18.03
CA TRP B 118 9.63 -8.99 -18.09
C TRP B 118 10.23 -9.61 -16.82
N GLY B 119 9.59 -9.39 -15.67
CA GLY B 119 10.11 -9.88 -14.39
C GLY B 119 10.18 -8.80 -13.31
N CYS B 120 10.49 -7.57 -13.74
CA CYS B 120 10.65 -6.41 -12.85
C CYS B 120 11.56 -6.71 -11.64
N VAL B 121 11.26 -6.05 -10.52
CA VAL B 121 12.27 -5.90 -9.48
C VAL B 121 12.70 -7.23 -8.85
N GLN B 122 11.75 -8.15 -8.65
CA GLN B 122 12.07 -9.44 -8.03
C GLN B 122 12.94 -10.32 -8.95
N ALA B 123 12.96 -10.00 -10.24
CA ALA B 123 13.76 -10.75 -11.20
C ALA B 123 15.14 -10.12 -11.41
N ALA B 124 15.39 -8.99 -10.75
CA ALA B 124 16.71 -8.38 -10.77
C ALA B 124 17.71 -9.28 -10.06
N LYS B 125 18.97 -9.21 -10.46
CA LYS B 125 19.99 -10.10 -9.91
C LYS B 125 20.02 -10.02 -8.39
N PRO B 126 20.12 -11.19 -7.72
CA PRO B 126 20.31 -12.51 -8.31
C PRO B 126 19.00 -13.32 -8.43
N ASN B 127 17.87 -12.63 -8.40
CA ASN B 127 16.55 -13.28 -8.60
C ASN B 127 16.36 -14.52 -7.71
N PRO B 128 16.29 -14.32 -6.39
CA PRO B 128 16.30 -15.44 -5.45
C PRO B 128 15.10 -16.38 -5.60
N THR B 129 13.99 -15.89 -6.15
CA THR B 129 12.79 -16.73 -6.31
C THR B 129 12.65 -17.31 -7.73
N GLN B 130 13.61 -16.99 -8.59
CA GLN B 130 13.48 -17.30 -10.01
CA GLN B 130 13.48 -17.28 -10.02
C GLN B 130 12.13 -16.85 -10.54
N ALA B 131 11.78 -15.61 -10.25
CA ALA B 131 10.56 -15.00 -10.79
C ALA B 131 10.68 -14.91 -12.30
N THR B 132 9.59 -15.27 -12.99
CA THR B 132 9.62 -15.49 -14.43
C THR B 132 8.41 -14.84 -15.09
N PRO B 133 8.64 -14.11 -16.20
CA PRO B 133 7.53 -13.43 -16.87
C PRO B 133 6.52 -14.41 -17.46
N VAL B 134 5.29 -13.97 -17.59
CA VAL B 134 4.18 -14.85 -17.97
C VAL B 134 4.44 -15.58 -19.30
N HIS B 135 4.99 -14.88 -20.28
CA HIS B 135 5.14 -15.45 -21.62
C HIS B 135 6.20 -16.56 -21.66
N LYS B 136 6.97 -16.69 -20.59
CA LYS B 136 7.98 -17.75 -20.51
C LYS B 136 7.42 -19.02 -19.84
N VAL B 137 6.22 -18.91 -19.28
CA VAL B 137 5.55 -20.08 -18.70
C VAL B 137 4.31 -20.46 -19.50
N ILE B 138 3.60 -19.46 -20.00
CA ILE B 138 2.46 -19.69 -20.89
C ILE B 138 2.86 -19.39 -22.34
N THR B 139 2.99 -20.43 -23.13
CA THR B 139 3.62 -20.31 -24.45
C THR B 139 2.67 -20.62 -25.59
N ASP B 140 1.40 -20.88 -25.27
CA ASP B 140 0.44 -21.33 -26.28
C ASP B 140 -0.86 -20.52 -26.26
N LYS B 141 -0.78 -19.29 -25.76
CA LYS B 141 -1.94 -18.40 -25.71
C LYS B 141 -1.58 -17.00 -26.21
N PRO B 142 -2.58 -16.28 -26.75
CA PRO B 142 -2.40 -14.89 -27.17
C PRO B 142 -2.13 -13.99 -25.97
N ILE B 143 -0.95 -13.39 -25.96
CA ILE B 143 -0.57 -12.49 -24.87
C ILE B 143 -0.27 -11.10 -25.40
N ILE B 144 -0.61 -10.09 -24.62
CA ILE B 144 -0.17 -8.73 -24.87
C ILE B 144 0.59 -8.20 -23.66
N LYS B 145 1.81 -7.70 -23.90
CA LYS B 145 2.61 -7.08 -22.84
C LYS B 145 2.27 -5.61 -22.72
N VAL B 146 2.02 -5.16 -21.49
CA VAL B 146 1.77 -3.76 -21.22
C VAL B 146 2.76 -3.27 -20.17
N PRO B 147 4.01 -3.05 -20.57
CA PRO B 147 5.09 -2.90 -19.61
C PRO B 147 5.14 -1.51 -18.98
N GLY B 148 5.97 -1.38 -17.96
CA GLY B 148 6.02 -0.16 -17.16
C GLY B 148 5.82 -0.49 -15.71
N CYS B 149 6.44 0.30 -14.84
CA CYS B 149 6.37 0.03 -13.41
C CYS B 149 5.83 1.22 -12.62
N PRO B 150 4.50 1.35 -12.55
CA PRO B 150 3.55 0.60 -13.36
C PRO B 150 3.35 1.27 -14.72
N PRO B 151 2.53 0.68 -15.59
CA PRO B 151 2.13 1.39 -16.79
C PRO B 151 1.27 2.61 -16.46
N ILE B 152 1.22 3.56 -17.39
CA ILE B 152 0.32 4.70 -17.27
C ILE B 152 -1.13 4.23 -17.20
N ALA B 153 -1.93 4.88 -16.35
CA ALA B 153 -3.30 4.43 -16.12
C ALA B 153 -4.10 4.36 -17.42
N GLU B 154 -4.02 5.41 -18.22
CA GLU B 154 -4.82 5.49 -19.44
C GLU B 154 -4.32 4.53 -20.51
N VAL B 155 -3.07 4.09 -20.38
CA VAL B 155 -2.56 3.03 -21.25
C VAL B 155 -3.20 1.69 -20.90
N MET B 156 -3.32 1.41 -19.60
CA MET B 156 -3.97 0.18 -19.15
C MET B 156 -5.43 0.13 -19.59
N THR B 157 -6.19 1.18 -19.28
CA THR B 157 -7.59 1.20 -19.64
C THR B 157 -7.79 1.37 -21.14
N GLY B 158 -6.81 1.97 -21.81
CA GLY B 158 -6.81 2.06 -23.27
C GLY B 158 -6.72 0.70 -23.94
N VAL B 159 -5.90 -0.18 -23.38
CA VAL B 159 -5.79 -1.54 -23.87
C VAL B 159 -7.09 -2.30 -23.69
N ILE B 160 -7.68 -2.20 -22.49
CA ILE B 160 -8.96 -2.85 -22.21
C ILE B 160 -10.04 -2.33 -23.16
N THR B 161 -10.09 -1.03 -23.35
CA THR B 161 -11.11 -0.42 -24.19
C THR B 161 -11.02 -0.92 -25.63
N TYR B 162 -9.80 -1.03 -26.14
CA TYR B 162 -9.61 -1.54 -27.50
C TYR B 162 -10.10 -2.97 -27.61
N MET B 163 -9.68 -3.80 -26.68
CA MET B 163 -10.01 -5.21 -26.72
C MET B 163 -11.52 -5.45 -26.61
N LEU B 164 -12.19 -4.63 -25.82
CA LEU B 164 -13.63 -4.73 -25.66
C LEU B 164 -14.39 -4.25 -26.90
N THR B 165 -13.93 -3.13 -27.46
CA THR B 165 -14.58 -2.55 -28.62
C THR B 165 -14.48 -3.46 -29.83
N PHE B 166 -13.30 -4.05 -30.02
CA PHE B 166 -12.99 -4.72 -31.27
C PHE B 166 -12.93 -6.24 -31.14
N ASP B 167 -12.91 -6.73 -29.90
CA ASP B 167 -12.77 -8.16 -29.65
C ASP B 167 -11.51 -8.67 -30.34
N ARG B 168 -10.47 -7.84 -30.32
CA ARG B 168 -9.16 -8.20 -30.88
C ARG B 168 -8.08 -7.61 -29.99
N ILE B 169 -6.90 -8.23 -30.00
CA ILE B 169 -5.71 -7.62 -29.44
C ILE B 169 -5.13 -6.58 -30.41
N PRO B 170 -4.77 -5.40 -29.90
CA PRO B 170 -4.25 -4.36 -30.79
C PRO B 170 -2.93 -4.79 -31.41
N GLU B 171 -2.53 -4.12 -32.48
CA GLU B 171 -1.29 -4.44 -33.18
C GLU B 171 -0.11 -4.38 -32.24
N LEU B 172 0.73 -5.42 -32.26
CA LEU B 172 1.87 -5.50 -31.35
C LEU B 172 3.19 -5.34 -32.10
N ASP B 173 4.18 -4.77 -31.42
CA ASP B 173 5.55 -4.77 -31.94
C ASP B 173 6.23 -6.11 -31.68
N ARG B 174 7.50 -6.21 -32.06
CA ARG B 174 8.21 -7.48 -31.98
C ARG B 174 8.31 -8.00 -30.54
N GLN B 175 8.29 -7.09 -29.58
CA GLN B 175 8.39 -7.47 -28.16
C GLN B 175 7.03 -7.75 -27.54
N GLY B 176 5.98 -7.65 -28.35
CA GLY B 176 4.63 -8.00 -27.91
C GLY B 176 3.89 -6.87 -27.22
N ARG B 177 4.35 -5.63 -27.42
CA ARG B 177 3.73 -4.44 -26.83
C ARG B 177 2.82 -3.76 -27.85
N PRO B 178 1.73 -3.15 -27.38
CA PRO B 178 0.82 -2.47 -28.31
C PRO B 178 1.45 -1.23 -28.95
N LYS B 179 1.48 -1.20 -30.28
CA LYS B 179 2.09 -0.10 -31.00
C LYS B 179 1.39 1.23 -30.72
N MET B 180 0.10 1.17 -30.36
CA MET B 180 -0.67 2.38 -30.14
C MET B 180 -0.19 3.16 -28.91
N PHE B 181 0.58 2.48 -28.05
CA PHE B 181 1.08 3.12 -26.83
C PHE B 181 2.62 3.11 -26.72
N TYR B 182 3.28 2.17 -27.41
CA TYR B 182 4.71 1.92 -27.17
C TYR B 182 5.59 2.08 -28.42
N SER B 183 5.11 2.88 -29.37
CA SER B 183 5.84 3.05 -30.64
CA SER B 183 5.84 3.06 -30.64
C SER B 183 6.93 4.12 -30.53
N GLN B 184 6.82 5.00 -29.54
CA GLN B 184 7.79 6.09 -29.37
C GLN B 184 8.68 5.86 -28.16
N ARG B 185 9.95 6.22 -28.29
CA ARG B 185 10.83 6.40 -27.13
C ARG B 185 10.47 7.70 -26.41
N ILE B 186 10.67 7.72 -25.10
CA ILE B 186 10.47 8.94 -24.32
C ILE B 186 11.19 10.12 -24.97
N HIS B 187 12.38 9.83 -25.47
CA HIS B 187 13.31 10.86 -25.96
C HIS B 187 12.84 11.48 -27.29
N ASP B 188 11.91 10.80 -27.97
CA ASP B 188 11.43 11.28 -29.28
C ASP B 188 10.70 12.60 -29.15
N LYS B 189 9.85 12.71 -28.13
CA LYS B 189 8.94 13.84 -28.00
C LYS B 189 9.11 14.57 -26.68
N CYS B 190 10.10 14.15 -25.89
CA CYS B 190 10.40 14.80 -24.63
C CYS B 190 10.56 16.31 -24.81
N TYR B 191 9.89 17.08 -23.94
CA TYR B 191 9.88 18.54 -24.08
C TYR B 191 11.26 19.16 -23.81
N ARG B 192 12.15 18.40 -23.19
CA ARG B 192 13.51 18.89 -22.93
C ARG B 192 14.43 18.65 -24.12
N ARG B 193 13.88 18.08 -25.18
CA ARG B 193 14.68 17.70 -26.35
C ARG B 193 15.46 18.89 -26.95
N PRO B 194 14.86 20.09 -26.98
CA PRO B 194 15.58 21.22 -27.53
C PRO B 194 16.88 21.51 -26.75
N HIS B 195 16.89 21.19 -25.46
CA HIS B 195 18.10 21.35 -24.65
C HIS B 195 19.12 20.28 -24.97
N PHE B 196 18.66 19.03 -25.10
CA PHE B 196 19.52 17.94 -25.51
C PHE B 196 20.22 18.28 -26.83
N ASP B 197 19.43 18.73 -27.81
CA ASP B 197 19.95 19.03 -29.14
C ASP B 197 21.01 20.14 -29.10
N ALA B 198 20.93 20.99 -28.08
CA ALA B 198 21.85 22.14 -27.99
C ALA B 198 22.94 21.90 -26.96
N GLY B 199 23.04 20.65 -26.48
CA GLY B 199 24.06 20.28 -25.50
C GLY B 199 23.90 21.01 -24.18
N GLN B 200 22.64 21.27 -23.80
CA GLN B 200 22.35 21.94 -22.53
C GLN B 200 21.86 20.95 -21.49
N PHE B 201 22.71 20.65 -20.52
CA PHE B 201 22.49 19.53 -19.60
C PHE B 201 22.58 19.95 -18.15
N VAL B 202 21.77 19.31 -17.31
CA VAL B 202 22.02 19.30 -15.87
C VAL B 202 23.26 18.44 -15.56
N GLU B 203 24.17 18.97 -14.74
CA GLU B 203 25.37 18.24 -14.35
C GLU B 203 25.38 17.86 -12.87
N GLU B 204 24.68 18.66 -12.07
CA GLU B 204 24.47 18.35 -10.64
C GLU B 204 23.05 18.72 -10.27
N TRP B 205 22.48 17.97 -9.32
CA TRP B 205 21.13 18.26 -8.89
C TRP B 205 20.99 19.70 -8.40
N ASP B 206 19.89 20.33 -8.78
CA ASP B 206 19.56 21.68 -8.33
C ASP B 206 20.61 22.72 -8.73
N ASP B 207 21.38 22.44 -9.77
CA ASP B 207 22.21 23.48 -10.34
C ASP B 207 21.38 24.43 -11.22
N GLU B 208 22.00 25.47 -11.72
CA GLU B 208 21.28 26.48 -12.49
C GLU B 208 20.56 25.83 -13.67
N SER B 209 21.21 24.84 -14.29
CA SER B 209 20.64 24.14 -15.43
C SER B 209 19.37 23.39 -15.06
N ALA B 210 19.36 22.75 -13.89
CA ALA B 210 18.17 22.03 -13.42
C ALA B 210 17.00 22.97 -13.23
N ARG B 211 17.28 24.18 -12.74
CA ARG B 211 16.23 25.16 -12.50
C ARG B 211 15.69 25.74 -13.79
N LYS B 212 16.45 25.56 -14.88
CA LYS B 212 16.02 25.99 -16.20
C LYS B 212 15.44 24.84 -17.01
N GLY B 213 15.40 23.65 -16.40
CA GLY B 213 14.79 22.48 -17.04
C GLY B 213 15.62 21.93 -18.19
N PHE B 214 16.94 22.02 -18.05
CA PHE B 214 17.85 21.45 -19.06
C PHE B 214 17.74 19.93 -19.11
N CYS B 215 18.27 19.33 -20.17
CA CYS B 215 18.18 17.89 -20.39
C CYS B 215 18.83 17.10 -19.27
N LEU B 216 18.27 15.92 -18.97
CA LEU B 216 18.70 15.11 -17.83
C LEU B 216 19.59 13.92 -18.25
N TYR B 217 20.03 13.93 -19.51
CA TYR B 217 20.86 12.83 -20.05
C TYR B 217 22.08 12.54 -19.16
N LYS B 218 22.75 13.59 -18.73
CA LYS B 218 23.99 13.43 -17.98
C LYS B 218 23.74 13.08 -16.52
N MET B 219 22.47 13.12 -16.10
CA MET B 219 22.08 12.66 -14.78
C MET B 219 21.54 11.24 -14.81
N GLY B 220 21.63 10.61 -15.98
CA GLY B 220 21.32 9.18 -16.10
C GLY B 220 20.03 8.86 -16.84
N CYS B 221 19.39 9.88 -17.40
CA CYS B 221 18.10 9.68 -18.07
C CYS B 221 18.18 8.56 -19.12
N LYS B 222 17.28 7.60 -19.01
CA LYS B 222 17.25 6.48 -19.95
C LYS B 222 16.14 6.65 -21.00
N GLY B 223 15.63 7.87 -21.11
CA GLY B 223 14.63 8.18 -22.12
C GLY B 223 15.02 7.74 -23.53
N PRO B 224 16.30 7.89 -23.88
CA PRO B 224 16.71 7.62 -25.26
C PRO B 224 16.61 6.13 -25.65
N THR B 225 16.47 5.25 -24.66
CA THR B 225 16.37 3.81 -24.94
C THR B 225 15.08 3.17 -24.43
N THR B 226 14.11 3.99 -24.07
CA THR B 226 12.92 3.52 -23.37
C THR B 226 11.65 3.85 -24.14
N TYR B 227 10.87 2.81 -24.47
CA TYR B 227 9.59 3.00 -25.17
C TYR B 227 8.41 3.08 -24.23
N ASN B 228 7.70 4.20 -24.27
CA ASN B 228 6.52 4.42 -23.44
C ASN B 228 5.84 5.71 -23.88
N ALA B 229 4.67 6.00 -23.31
CA ALA B 229 3.87 7.16 -23.71
C ALA B 229 4.02 8.35 -22.74
N CYS B 230 5.03 8.28 -21.87
CA CYS B 230 5.13 9.23 -20.76
C CYS B 230 5.31 10.69 -21.20
N SER B 231 6.03 10.90 -22.29
CA SER B 231 6.36 12.28 -22.70
C SER B 231 5.21 12.97 -23.43
N THR B 232 4.23 12.19 -23.89
CA THR B 232 3.07 12.76 -24.58
C THR B 232 1.75 12.61 -23.82
N THR B 233 1.39 11.38 -23.51
CA THR B 233 0.21 11.10 -22.67
C THR B 233 0.44 11.59 -21.25
N ARG B 234 1.63 11.34 -20.72
CA ARG B 234 2.00 11.75 -19.37
C ARG B 234 1.14 11.06 -18.32
N TRP B 235 1.30 11.48 -17.07
CA TRP B 235 0.84 10.69 -15.92
C TRP B 235 -0.30 11.37 -15.18
N ASN B 236 -1.24 10.56 -14.70
CA ASN B 236 -2.30 11.04 -13.83
C ASN B 236 -3.11 12.17 -14.45
N GLU B 237 -3.76 11.84 -15.56
CA GLU B 237 -4.46 12.83 -16.39
C GLU B 237 -3.55 13.95 -16.87
N GLY B 238 -2.37 13.59 -17.36
CA GLY B 238 -1.50 14.53 -18.05
C GLY B 238 -0.92 15.60 -17.14
N THR B 239 -0.74 15.26 -15.87
CA THR B 239 -0.26 16.23 -14.87
C THR B 239 1.26 16.44 -14.97
N SER B 240 2.00 15.35 -15.10
CA SER B 240 3.44 15.41 -15.23
C SER B 240 3.99 14.09 -15.73
N PHE B 241 5.31 13.98 -15.82
CA PHE B 241 5.98 12.70 -15.89
C PHE B 241 7.36 12.85 -15.32
N PRO B 242 8.07 11.72 -15.10
CA PRO B 242 9.29 11.80 -14.32
C PRO B 242 10.23 12.95 -14.73
N ILE B 243 10.43 13.12 -16.03
CA ILE B 243 11.36 14.11 -16.53
C ILE B 243 10.85 15.54 -16.27
N GLN B 244 9.56 15.76 -16.47
CA GLN B 244 8.96 17.06 -16.19
C GLN B 244 9.15 17.47 -14.72
N SER B 245 9.09 16.48 -13.83
CA SER B 245 9.23 16.75 -12.40
C SER B 245 10.69 16.69 -11.93
N GLY B 246 11.62 16.46 -12.86
CA GLY B 246 13.04 16.74 -12.62
C GLY B 246 13.96 15.52 -12.47
N HIS B 247 13.40 14.32 -12.59
CA HIS B 247 14.21 13.10 -12.49
C HIS B 247 14.28 12.41 -13.84
N GLY B 248 15.45 11.91 -14.20
CA GLY B 248 15.60 11.16 -15.45
C GLY B 248 14.70 9.93 -15.46
N CYS B 249 14.25 9.55 -16.65
CA CYS B 249 13.66 8.24 -16.85
C CYS B 249 14.64 7.17 -16.35
N ILE B 250 14.12 6.19 -15.62
CA ILE B 250 14.96 5.06 -15.18
C ILE B 250 14.78 3.82 -16.04
N GLY B 251 13.97 3.95 -17.11
CA GLY B 251 13.81 2.89 -18.11
C GLY B 251 12.79 1.83 -17.72
N CYS B 252 11.78 2.21 -16.94
CA CYS B 252 10.99 1.22 -16.18
C CYS B 252 10.06 0.34 -17.03
N SER B 253 9.92 0.68 -18.32
CA SER B 253 9.10 -0.14 -19.22
C SER B 253 9.93 -1.13 -20.03
N GLU B 254 11.25 -1.11 -19.84
CA GLU B 254 12.15 -1.94 -20.65
C GLU B 254 12.59 -3.20 -19.93
N ASP B 255 12.72 -4.28 -20.68
CA ASP B 255 13.23 -5.55 -20.16
C ASP B 255 14.56 -5.34 -19.43
N GLY B 256 14.62 -5.77 -18.17
CA GLY B 256 15.88 -5.83 -17.42
C GLY B 256 16.44 -4.47 -17.01
N PHE B 257 15.56 -3.51 -16.78
CA PHE B 257 16.00 -2.13 -16.52
C PHE B 257 16.69 -1.97 -15.16
N TRP B 258 16.44 -2.90 -14.25
CA TRP B 258 17.08 -2.87 -12.92
C TRP B 258 18.56 -3.23 -12.98
N ASP B 259 18.97 -3.90 -14.05
CA ASP B 259 20.33 -4.43 -14.14
C ASP B 259 21.11 -3.81 -15.29
N LYS B 260 20.78 -2.57 -15.63
CA LYS B 260 21.50 -1.84 -16.67
C LYS B 260 22.42 -0.79 -16.06
N GLY B 261 22.93 -1.08 -14.87
CA GLY B 261 23.80 -0.15 -14.18
C GLY B 261 23.01 0.87 -13.37
N SER B 262 23.73 1.73 -12.66
CA SER B 262 23.09 2.75 -11.84
C SER B 262 22.17 3.62 -12.68
N PHE B 263 21.03 3.98 -12.10
CA PHE B 263 20.10 4.85 -12.77
C PHE B 263 20.73 6.20 -13.05
N TYR B 264 21.80 6.52 -12.32
CA TYR B 264 22.42 7.84 -12.43
C TYR B 264 23.66 7.82 -13.29
N ASP B 265 23.98 6.67 -13.85
CA ASP B 265 25.04 6.58 -14.84
C ASP B 265 24.51 6.85 -16.23
N ARG B 266 25.11 7.81 -16.92
CA ARG B 266 24.62 8.22 -18.23
C ARG B 266 24.83 7.13 -19.27
N LEU B 267 23.97 7.12 -20.27
CA LEU B 267 24.16 6.26 -21.42
C LEU B 267 25.44 6.67 -22.13
N THR B 268 26.15 5.68 -22.67
CA THR B 268 27.35 5.96 -23.45
C THR B 268 27.00 6.23 -24.89
N GLY B 269 27.91 6.88 -25.62
CA GLY B 269 27.70 7.17 -27.03
C GLY B 269 26.52 8.09 -27.27
N ILE B 270 26.58 9.30 -26.71
CA ILE B 270 25.48 10.24 -26.79
C ILE B 270 25.12 10.58 -28.24
N SER B 271 26.10 10.48 -29.13
CA SER B 271 25.91 10.85 -30.53
C SER B 271 24.82 10.00 -31.19
N GLN B 272 24.63 8.79 -30.69
CA GLN B 272 23.71 7.84 -31.32
C GLN B 272 22.25 8.18 -31.03
N PHE B 273 22.04 9.16 -30.14
CA PHE B 273 20.69 9.54 -29.74
C PHE B 273 20.31 10.93 -30.27
N GLY B 274 21.18 11.50 -31.10
CA GLY B 274 20.95 12.83 -31.66
C GLY B 274 20.03 12.79 -32.86
FE NFU C . 3.62 -0.67 3.69
NI NFU C . 2.52 -1.53 1.51
C1 NFU C . 5.17 0.05 4.53
N1 NFU C . 6.10 0.47 5.07
C2 NFU C . 3.29 -1.84 5.06
N2 NFU C . 3.10 -2.57 5.95
C3 NFU C . 2.60 0.67 4.57
O3 NFU C . 1.93 1.51 5.13
MG MG D . 13.08 -7.53 6.49
FE1 SF4 E . 14.33 14.19 -22.34
FE2 SF4 E . 16.98 14.64 -22.21
FE3 SF4 E . 15.92 12.37 -21.14
FE4 SF4 E . 15.98 12.72 -23.83
S1 SF4 E . 17.79 12.51 -22.44
S2 SF4 E . 14.23 11.92 -22.67
S3 SF4 E . 15.61 14.98 -24.04
S4 SF4 E . 15.51 14.54 -20.46
FE1 F3S F . 10.71 6.36 -17.79
FE3 F3S F . 8.03 6.63 -18.05
FE4 F3S F . 9.04 4.71 -16.45
S1 F3S F . 9.54 8.33 -17.85
S2 F3S F . 10.88 5.74 -15.60
S3 F3S F . 9.28 4.84 -18.70
S4 F3S F . 7.28 6.08 -15.98
S1 F4S G . 3.29 -4.90 -9.63
FE1 F4S G . 4.67 -3.25 -8.86
S2 F4S G . 6.78 -4.02 -9.13
FE2 F4S G . 5.36 -5.07 -10.57
S3 F4S G . 5.27 -3.61 -12.30
FE3 F4S G . 7.26 -3.25 -11.24
FE4 F4S G . 3.30 -3.19 -11.15
#